data_6UXS
#
_entry.id   6UXS
#
_entity_poly.entity_id   1
_entity_poly.type   'polypeptide(L)'
_entity_poly.pdbx_seq_one_letter_code
;(ACE)WKTI(ALY)G(ALY)TWRT(ALY)QC(NH2)
;
_entity_poly.pdbx_strand_id   A
#
loop_
_chem_comp.id
_chem_comp.type
_chem_comp.name
_chem_comp.formula
ACE non-polymer 'ACETYL GROUP' 'C2 H4 O'
NH2 non-polymer 'AMINO GROUP' 'H2 N'
#
# COMPACT_ATOMS: atom_id res chain seq x y z
C ACE A 1 2.09 5.81 -1.75
O ACE A 1 2.42 5.69 -2.92
CH3 ACE A 1 2.10 7.18 -1.08
H1 ACE A 1 1.26 7.15 -0.39
H2 ACE A 1 2.15 7.80 -1.97
N TRP A 2 1.69 4.80 -1.01
CA TRP A 2 1.65 3.43 -1.53
C TRP A 2 0.27 3.14 -2.13
N LYS A 3 0.04 1.87 -2.45
CA LYS A 3 -1.24 1.46 -3.04
C LYS A 3 -2.16 0.90 -1.97
N THR A 4 -3.47 1.07 -2.18
CA THR A 4 -4.47 0.58 -1.24
C THR A 4 -5.54 -0.24 -1.94
N ILE A 5 -5.72 -1.48 -1.50
CA ILE A 5 -6.71 -2.36 -2.09
C ILE A 5 -7.32 -3.30 -1.04
OH ALY A 6 -5.34 -6.22 0.08
CH ALY A 6 -5.16 -7.37 -0.47
CH3 ALY A 6 -3.93 -8.21 -0.29
NZ ALY A 6 -6.15 -7.90 -1.27
CE ALY A 6 -6.98 -7.02 -2.13
CD ALY A 6 -8.46 -7.35 -2.02
CG ALY A 6 -9.29 -6.11 -1.68
CB ALY A 6 -9.01 -5.64 -0.26
CA ALY A 6 -9.34 -4.17 -0.02
N ALY A 6 -8.64 -3.32 -0.97
C ALY A 6 -8.99 -3.79 1.41
O ALY A 6 -8.91 -4.64 2.30
HH31 ALY A 6 -3.72 -8.33 0.78
HH32 ALY A 6 -4.08 -9.19 -0.74
HH33 ALY A 6 -3.08 -7.72 -0.76
HZ ALY A 6 -6.74 -8.40 -0.62
HE3 ALY A 6 -6.82 -5.98 -1.83
HE2 ALY A 6 -6.66 -7.12 -3.16
HD3 ALY A 6 -8.81 -7.77 -2.97
HD2 ALY A 6 -8.59 -8.10 -1.24
HG3 ALY A 6 -9.04 -5.32 -2.38
HG2 ALY A 6 -10.34 -6.36 -1.79
HB3 ALY A 6 -9.61 -6.26 0.42
HB2 ALY A 6 -7.97 -5.82 -0.03
HA ALY A 6 -10.42 -4.02 -0.14
H ALY A 6 -9.18 -2.74 -1.60
N GLY A 7 -8.79 -2.49 1.65
CA GLY A 7 -8.45 -2.02 2.98
C GLY A 7 -7.27 -2.76 3.58
OH ALY A 8 -5.56 -9.93 5.11
CH ALY A 8 -6.83 -9.82 4.98
CH3 ALY A 8 -7.83 -10.79 5.54
NZ ALY A 8 -7.34 -8.76 4.26
CE ALY A 8 -6.43 -7.85 3.51
CD ALY A 8 -6.19 -6.55 4.27
CG ALY A 8 -4.83 -5.95 3.92
CB ALY A 8 -4.95 -4.92 2.82
CA ALY A 8 -4.96 -3.47 3.31
N ALY A 8 -6.16 -2.79 2.85
C ALY A 8 -3.71 -2.74 2.84
O ALY A 8 -3.69 -2.09 1.80
HH31 ALY A 8 -8.59 -10.23 6.12
HH32 ALY A 8 -8.32 -11.32 4.73
HH33 ALY A 8 -7.33 -11.50 6.20
HZ ALY A 8 -7.85 -8.24 4.96
HE3 ALY A 8 -5.48 -8.35 3.35
HE2 ALY A 8 -6.88 -7.62 2.55
HD3 ALY A 8 -6.96 -5.84 4.02
HD2 ALY A 8 -6.23 -6.75 5.34
HG3 ALY A 8 -4.40 -5.49 4.81
HG2 ALY A 8 -4.16 -6.75 3.60
HB3 ALY A 8 -4.11 -5.06 2.13
HB2 ALY A 8 -5.86 -5.13 2.26
HA ALY A 8 -4.96 -3.47 4.40
H ALY A 8 -6.15 -2.32 1.95
N THR A 9 -2.64 -2.86 3.62
CA THR A 9 -1.37 -2.22 3.30
C THR A 9 -0.31 -3.25 2.91
N TRP A 10 0.91 -2.77 2.67
CA TRP A 10 2.00 -3.65 2.29
C TRP A 10 3.29 -2.86 2.10
N ARG A 11 3.15 -1.64 1.59
CA ARG A 11 4.30 -0.77 1.34
C ARG A 11 5.22 -1.38 0.29
N THR A 12 5.21 -0.78 -0.91
CA THR A 12 6.04 -1.26 -2.01
C THR A 12 7.16 -0.27 -2.32
OH ALY A 13 7.19 7.23 -8.64
CH ALY A 13 8.09 6.42 -8.26
CH3 ALY A 13 9.01 5.66 -9.20
NZ ALY A 13 8.29 6.21 -6.92
CE ALY A 13 7.80 4.96 -6.27
CD ALY A 13 8.73 4.51 -5.14
CG ALY A 13 8.53 3.04 -4.82
CB ALY A 13 7.40 2.84 -3.81
CA ALY A 13 7.80 2.06 -2.56
N ALY A 13 6.83 1.01 -2.28
C ALY A 13 7.96 3.01 -1.38
O ALY A 13 7.44 2.74 -0.29
HH31 ALY A 13 9.69 6.34 -9.67
HH32 ALY A 13 9.57 4.91 -8.63
HH33 ALY A 13 8.40 5.16 -9.95
HZ ALY A 13 7.84 7.01 -6.48
HE3 ALY A 13 6.81 5.14 -5.87
HE2 ALY A 13 7.74 4.18 -7.02
HD3 ALY A 13 9.76 4.68 -5.45
HD2 ALY A 13 8.53 5.11 -4.26
HG3 ALY A 13 8.28 2.50 -5.74
HG2 ALY A 13 9.45 2.63 -4.41
HB3 ALY A 13 7.04 3.83 -3.52
HB2 ALY A 13 6.58 2.33 -4.31
HA ALY A 13 8.77 1.59 -2.74
H ALY A 13 5.89 1.27 -2.04
N GLN A 14 8.66 4.11 -1.60
CA GLN A 14 8.88 5.10 -0.54
C GLN A 14 8.01 6.33 -0.76
N CYS A 15 6.77 6.26 -0.27
CA CYS A 15 5.84 7.36 -0.41
C CYS A 15 6.45 8.67 0.09
N NH2 A 16 6.32 9.75 -0.62
HN1 NH2 A 16 5.79 9.70 -1.50
C ACE A 1 2.08 5.83 -1.76
O ACE A 1 2.41 5.71 -2.93
CH3 ACE A 1 2.10 7.19 -1.08
H1 ACE A 1 1.24 7.17 -0.41
H2 ACE A 1 2.17 7.81 -1.98
N TRP A 2 1.70 4.80 -1.00
CA TRP A 2 1.64 3.44 -1.52
C TRP A 2 0.27 3.15 -2.12
N LYS A 3 0.03 1.88 -2.45
CA LYS A 3 -1.25 1.47 -3.02
C LYS A 3 -2.17 0.91 -1.96
N THR A 4 -3.48 1.06 -2.17
CA THR A 4 -4.47 0.56 -1.22
C THR A 4 -5.54 -0.26 -1.94
N ILE A 5 -5.72 -1.50 -1.49
CA ILE A 5 -6.72 -2.39 -2.08
C ILE A 5 -7.33 -3.30 -1.03
OH ALY A 6 -4.82 -6.52 0.10
CH ALY A 6 -5.00 -7.42 -0.77
CH3 ALY A 6 -3.89 -8.13 -1.51
NZ ALY A 6 -6.28 -7.81 -1.09
CE ALY A 6 -7.06 -7.08 -2.13
CD ALY A 6 -8.55 -7.37 -2.03
CG ALY A 6 -9.34 -6.11 -1.70
CB ALY A 6 -9.07 -5.65 -0.27
CA ALY A 6 -9.38 -4.17 -0.03
N ALY A 6 -8.66 -3.33 -0.98
C ALY A 6 -9.01 -3.80 1.42
O ALY A 6 -8.93 -4.66 2.28
HH31 ALY A 6 -4.31 -8.90 -2.15
HH32 ALY A 6 -3.35 -7.40 -2.12
HH33 ALY A 6 -3.22 -8.59 -0.80
HZ ALY A 6 -6.77 -7.76 -0.21
HE3 ALY A 6 -6.89 -6.01 -2.01
HE2 ALY A 6 -6.70 -7.38 -3.11
HD3 ALY A 6 -8.90 -7.78 -2.98
HD2 ALY A 6 -8.72 -8.11 -1.26
HG3 ALY A 6 -9.05 -5.33 -2.40
HG2 ALY A 6 -10.41 -6.31 -1.82
HB3 ALY A 6 -9.68 -6.26 0.39
HB2 ALY A 6 -8.03 -5.85 -0.05
HA ALY A 6 -10.45 -4.01 -0.16
H ALY A 6 -9.19 -2.76 -1.62
N GLY A 7 -8.80 -2.51 1.64
CA GLY A 7 -8.46 -2.04 2.97
C GLY A 7 -7.28 -2.79 3.56
OH ALY A 8 -6.78 -9.75 5.42
CH ALY A 8 -7.79 -9.54 4.66
CH3 ALY A 8 -9.10 -10.28 4.76
NZ ALY A 8 -7.70 -8.59 3.68
CE ALY A 8 -6.41 -7.91 3.38
CD ALY A 8 -6.28 -6.58 4.14
CG ALY A 8 -4.91 -5.96 3.91
CB ALY A 8 -4.94 -4.92 2.81
CA ALY A 8 -4.96 -3.47 3.30
N ALY A 8 -6.16 -2.78 2.85
C ALY A 8 -3.70 -2.75 2.83
O ALY A 8 -3.68 -2.11 1.78
HH31 ALY A 8 -9.79 -9.89 4.01
HH32 ALY A 8 -8.93 -11.34 4.59
HH33 ALY A 8 -9.53 -10.13 5.76
HZ ALY A 8 -8.39 -7.90 3.95
HE3 ALY A 8 -5.60 -8.57 3.67
HE2 ALY A 8 -6.34 -7.73 2.31
HD3 ALY A 8 -7.05 -5.90 3.79
HD2 ALY A 8 -6.44 -6.77 5.20
HG3 ALY A 8 -4.58 -5.49 4.84
HG2 ALY A 8 -4.20 -6.75 3.65
HB3 ALY A 8 -4.08 -5.08 2.17
HB2 ALY A 8 -5.83 -5.10 2.20
HA ALY A 8 -4.95 -3.48 4.39
H ALY A 8 -6.14 -2.28 1.97
N THR A 9 -2.64 -2.85 3.63
CA THR A 9 -1.37 -2.21 3.30
C THR A 9 -0.31 -3.23 2.92
N TRP A 10 0.90 -2.76 2.68
CA TRP A 10 2.01 -3.65 2.31
C TRP A 10 3.29 -2.85 2.11
N ARG A 11 3.16 -1.63 1.60
CA ARG A 11 4.31 -0.77 1.36
C ARG A 11 5.22 -1.37 0.30
N THR A 12 5.21 -0.78 -0.88
CA THR A 12 6.05 -1.25 -1.99
C THR A 12 7.15 -0.26 -2.31
OH ALY A 13 8.53 4.60 -9.70
CH ALY A 13 7.53 4.91 -8.97
CH3 ALY A 13 6.95 6.30 -8.88
NZ ALY A 13 6.91 3.93 -8.23
CE ALY A 13 7.69 3.13 -7.24
CD ALY A 13 8.02 3.93 -5.99
CG ALY A 13 8.46 3.02 -4.85
CB ALY A 13 7.37 2.87 -3.80
CA ALY A 13 7.79 2.08 -2.57
N ALY A 13 6.82 1.03 -2.28
C ALY A 13 7.95 3.03 -1.38
O ALY A 13 7.44 2.76 -0.28
HH31 ALY A 13 7.75 7.02 -8.76
HH32 ALY A 13 6.39 6.52 -9.79
HH33 ALY A 13 6.27 6.35 -8.03
HZ ALY A 13 6.51 3.32 -8.91
HE3 ALY A 13 7.10 2.26 -6.97
HE2 ALY A 13 8.61 2.79 -7.71
HD3 ALY A 13 8.82 4.63 -6.23
HD2 ALY A 13 7.14 4.49 -5.69
HG3 ALY A 13 8.72 2.04 -5.26
HG2 ALY A 13 9.36 3.44 -4.39
HB3 ALY A 13 7.04 3.87 -3.52
HB2 ALY A 13 6.52 2.38 -4.28
HA ALY A 13 8.76 1.61 -2.76
H ALY A 13 5.87 1.29 -2.04
N GLN A 14 8.65 4.13 -1.60
CA GLN A 14 8.87 5.11 -0.54
C GLN A 14 8.00 6.34 -0.75
N CYS A 15 6.76 6.26 -0.27
CA CYS A 15 5.81 7.37 -0.40
C CYS A 15 6.43 8.67 0.11
N NH2 A 16 6.17 9.78 -0.50
HN1 NH2 A 16 6.51 9.90 -1.46
C ACE A 1 2.13 5.83 -1.62
O ACE A 1 2.48 5.72 -2.78
CH3 ACE A 1 2.14 7.18 -0.92
H1 ACE A 1 1.31 7.14 -0.20
H2 ACE A 1 2.15 7.83 -1.79
N TRP A 2 1.71 4.80 -0.88
CA TRP A 2 1.66 3.45 -1.43
C TRP A 2 0.29 3.16 -2.04
N LYS A 3 0.05 1.90 -2.39
CA LYS A 3 -1.23 1.50 -2.98
C LYS A 3 -2.16 0.93 -1.92
N THR A 4 -3.46 1.11 -2.12
CA THR A 4 -4.46 0.61 -1.17
C THR A 4 -5.54 -0.20 -1.89
N ILE A 5 -5.72 -1.44 -1.48
CA ILE A 5 -6.73 -2.31 -2.08
C ILE A 5 -7.34 -3.25 -1.05
OH ALY A 6 -5.18 -6.30 -0.04
CH ALY A 6 -5.08 -7.32 -0.80
CH3 ALY A 6 -3.80 -8.04 -1.11
NZ ALY A 6 -6.22 -7.83 -1.38
CE ALY A 6 -7.06 -6.99 -2.28
CD ALY A 6 -8.54 -7.31 -2.14
CG ALY A 6 -9.34 -6.06 -1.78
CB ALY A 6 -9.06 -5.63 -0.35
CA ALY A 6 -9.38 -4.16 -0.07
N ALY A 6 -8.67 -3.30 -1.02
C ALY A 6 -9.02 -3.80 1.37
O ALY A 6 -8.95 -4.68 2.23
HH31 ALY A 6 -3.72 -8.95 -0.50
HH32 ALY A 6 -3.78 -8.30 -2.16
HH33 ALY A 6 -2.96 -7.38 -0.89
HZ ALY A 6 -6.78 -8.14 -0.59
HE3 ALY A 6 -6.88 -5.94 -2.03
HE2 ALY A 6 -6.75 -7.16 -3.31
HD3 ALY A 6 -8.91 -7.72 -3.08
HD2 ALY A 6 -8.67 -8.06 -1.36
HG3 ALY A 6 -9.08 -5.26 -2.47
HG2 ALY A 6 -10.41 -6.29 -1.89
HB3 ALY A 6 -9.66 -6.26 0.32
HB2 ALY A 6 -8.02 -5.83 -0.14
HA ALY A 6 -10.45 -4.00 -0.19
H ALY A 6 -9.20 -2.72 -1.65
N GLY A 7 -8.81 -2.52 1.63
CA GLY A 7 -8.46 -2.08 2.97
C GLY A 7 -7.29 -2.84 3.54
OH ALY A 8 -7.32 -9.73 1.20
CH ALY A 8 -8.22 -9.06 1.80
CH3 ALY A 8 -9.71 -9.32 1.64
NZ ALY A 8 -7.87 -8.04 2.64
CE ALY A 8 -6.46 -7.85 3.06
CD ALY A 8 -6.30 -6.68 4.02
CG ALY A 8 -4.94 -6.03 3.85
CB ALY A 8 -4.96 -4.96 2.77
CA ALY A 8 -4.97 -3.52 3.29
N ALY A 8 -6.17 -2.83 2.83
C ALY A 8 -3.70 -2.79 2.83
O ALY A 8 -3.69 -2.14 1.79
HH31 ALY A 8 -10.15 -9.51 2.61
HH32 ALY A 8 -10.18 -8.45 1.20
HH33 ALY A 8 -9.87 -10.18 1.00
HZ ALY A 8 -8.45 -8.19 3.46
HE3 ALY A 8 -6.12 -8.77 3.55
HE2 ALY A 8 -5.85 -7.70 2.18
HD3 ALY A 8 -7.08 -5.95 3.81
HD2 ALY A 8 -6.41 -7.03 5.04
HG3 ALY A 8 -4.65 -5.56 4.81
HG2 ALY A 8 -4.20 -6.78 3.61
HB3 ALY A 8 -4.09 -5.11 2.13
HB2 ALY A 8 -5.84 -5.13 2.15
HA ALY A 8 -4.97 -3.54 4.37
H ALY A 8 -6.14 -2.31 1.97
N THR A 9 -2.65 -2.92 3.62
CA THR A 9 -1.38 -2.27 3.30
C THR A 9 -0.32 -3.29 2.91
N TRP A 10 0.90 -2.83 2.65
CA TRP A 10 1.99 -3.70 2.26
C TRP A 10 3.28 -2.91 2.07
N ARG A 11 3.15 -1.68 1.58
CA ARG A 11 4.30 -0.82 1.35
C ARG A 11 5.21 -1.41 0.27
N THR A 12 5.19 -0.80 -0.91
CA THR A 12 6.02 -1.27 -2.02
C THR A 12 7.14 -0.28 -2.32
OH ALY A 13 10.48 7.28 -7.14
CH ALY A 13 9.67 6.47 -7.72
CH3 ALY A 13 9.53 6.35 -9.23
NZ ALY A 13 8.87 5.65 -6.97
CE ALY A 13 9.14 4.19 -6.90
CD ALY A 13 8.08 3.45 -6.10
CG ALY A 13 8.59 3.10 -4.71
CB ALY A 13 7.44 2.85 -3.73
CA ALY A 13 7.83 2.06 -2.49
N ALY A 13 6.84 1.01 -2.24
C ALY A 13 7.97 2.98 -1.30
O ALY A 13 7.45 2.71 -0.22
HH31 ALY A 13 9.59 5.30 -9.51
HH32 ALY A 13 8.57 6.75 -9.53
HH33 ALY A 13 10.33 6.91 -9.72
HZ ALY A 13 7.95 5.81 -7.34
HE3 ALY A 13 9.16 3.79 -7.92
HE2 ALY A 13 10.12 4.02 -6.45
HD3 ALY A 13 7.20 4.09 -6.01
HD2 ALY A 13 7.79 2.54 -6.63
HG3 ALY A 13 9.21 2.20 -4.77
HG2 ALY A 13 9.21 3.92 -4.34
HB3 ALY A 13 7.04 3.82 -3.43
HB2 ALY A 13 6.65 2.33 -4.28
HA ALY A 13 8.79 1.57 -2.67
H ALY A 13 5.90 1.27 -1.98
N GLN A 14 8.70 4.08 -1.49
CA GLN A 14 8.91 5.06 -0.43
C GLN A 14 8.04 6.29 -0.64
N CYS A 15 6.81 6.24 -0.14
CA CYS A 15 5.89 7.35 -0.27
C CYS A 15 6.53 8.65 0.22
N NH2 A 16 6.92 8.76 1.43
HN1 NH2 A 16 6.23 8.75 2.18
C ACE A 1 2.13 5.81 -1.60
O ACE A 1 2.49 5.72 -2.78
CH3 ACE A 1 2.14 7.17 -0.92
H1 ACE A 1 1.34 7.09 -0.18
H2 ACE A 1 2.16 7.78 -1.81
N TRP A 2 1.72 4.78 -0.88
CA TRP A 2 1.67 3.44 -1.44
C TRP A 2 0.30 3.15 -2.04
N LYS A 3 0.06 1.89 -2.40
CA LYS A 3 -1.21 1.48 -2.98
C LYS A 3 -2.14 0.91 -1.92
N THR A 4 -3.44 1.09 -2.13
CA THR A 4 -4.44 0.59 -1.19
C THR A 4 -5.52 -0.21 -1.91
N ILE A 5 -5.71 -1.45 -1.48
CA ILE A 5 -6.73 -2.31 -2.09
C ILE A 5 -7.34 -3.25 -1.06
OH ALY A 6 -5.07 -7.02 0.55
CH ALY A 6 -5.07 -7.32 -0.69
CH3 ALY A 6 -3.87 -7.19 -1.59
NZ ALY A 6 -6.22 -7.80 -1.27
CE ALY A 6 -7.03 -6.96 -2.19
CD ALY A 6 -8.51 -7.27 -2.11
CG ALY A 6 -9.32 -6.03 -1.76
CB ALY A 6 -9.06 -5.59 -0.31
CA ALY A 6 -9.37 -4.12 -0.04
N ALY A 6 -8.66 -3.26 -0.99
C ALY A 6 -9.01 -3.77 1.39
O ALY A 6 -8.93 -4.65 2.25
HH31 ALY A 6 -4.01 -6.32 -2.25
HH32 ALY A 6 -2.98 -7.04 -0.99
HH33 ALY A 6 -3.76 -8.09 -2.20
HZ ALY A 6 -6.79 -8.08 -0.49
HE3 ALY A 6 -6.86 -5.91 -1.93
HE2 ALY A 6 -6.68 -7.11 -3.21
HD3 ALY A 6 -8.85 -7.66 -3.06
HD2 ALY A 6 -8.67 -8.03 -1.34
HG3 ALY A 6 -9.05 -5.22 -2.43
HG2 ALY A 6 -10.38 -6.25 -1.89
HB3 ALY A 6 -9.68 -6.22 0.33
HB2 ALY A 6 -8.02 -5.80 -0.09
HA ALY A 6 -10.45 -3.95 -0.17
H ALY A 6 -9.19 -2.67 -1.61
N GLY A 7 -8.80 -2.48 1.64
CA GLY A 7 -8.45 -2.03 2.99
C GLY A 7 -7.28 -2.79 3.56
OH ALY A 8 -9.09 -9.94 2.70
CH ALY A 8 -8.82 -9.01 3.52
CH3 ALY A 8 -9.27 -8.99 4.97
NZ ALY A 8 -8.07 -7.93 3.11
CE ALY A 8 -6.63 -7.82 3.49
CD ALY A 8 -6.33 -6.49 4.18
CG ALY A 8 -4.93 -6.00 3.84
CB ALY A 8 -4.95 -4.94 2.76
CA ALY A 8 -4.97 -3.50 3.29
N ALY A 8 -6.17 -2.81 2.83
C ALY A 8 -3.71 -2.77 2.83
O ALY A 8 -3.71 -2.08 1.81
HH31 ALY A 8 -10.31 -9.32 5.03
HH32 ALY A 8 -8.64 -9.66 5.56
HH33 ALY A 8 -9.18 -7.98 5.37
HZ ALY A 8 -8.58 -7.14 3.47
HE3 ALY A 8 -6.38 -8.64 4.16
HE2 ALY A 8 -6.03 -7.91 2.60
HD3 ALY A 8 -7.06 -5.75 3.85
HD2 ALY A 8 -6.43 -6.62 5.25
HG3 ALY A 8 -4.48 -5.59 4.75
HG2 ALY A 8 -4.33 -6.85 3.50
HB3 ALY A 8 -4.08 -5.09 2.12
HB2 ALY A 8 -5.85 -5.10 2.15
HA ALY A 8 -4.97 -3.53 4.37
H ALY A 8 -6.15 -2.31 1.96
N THR A 9 -2.64 -2.93 3.60
CA THR A 9 -1.37 -2.28 3.28
C THR A 9 -0.32 -3.31 2.89
N TRP A 10 0.90 -2.84 2.64
CA TRP A 10 2.00 -3.71 2.25
C TRP A 10 3.29 -2.92 2.05
N ARG A 11 3.15 -1.69 1.57
CA ARG A 11 4.31 -0.83 1.34
C ARG A 11 5.22 -1.42 0.27
N THR A 12 5.21 -0.81 -0.92
CA THR A 12 6.03 -1.27 -2.02
C THR A 12 7.17 -0.29 -2.32
OH ALY A 13 5.51 7.04 -7.19
CH ALY A 13 5.86 7.64 -6.12
CH3 ALY A 13 5.33 8.98 -5.68
NZ ALY A 13 6.79 7.05 -5.29
CE ALY A 13 6.83 5.57 -5.12
CD ALY A 13 6.49 5.15 -3.69
CG ALY A 13 6.19 3.65 -3.62
CB ALY A 13 7.47 2.84 -3.75
CA ALY A 13 7.84 2.04 -2.50
N ALY A 13 6.86 1.00 -2.24
C ALY A 13 7.99 2.98 -1.31
O ALY A 13 7.45 2.71 -0.22
HH31 ALY A 13 5.69 9.19 -4.67
HH32 ALY A 13 5.68 9.74 -6.36
HH33 ALY A 13 4.25 8.95 -5.68
HZ ALY A 13 6.62 7.49 -4.39
HE3 ALY A 13 6.11 5.12 -5.81
HE2 ALY A 13 7.82 5.20 -5.39
HD3 ALY A 13 7.33 5.39 -3.05
HD2 ALY A 13 5.62 5.71 -3.35
HG3 ALY A 13 5.73 3.44 -2.65
HG2 ALY A 13 5.50 3.39 -4.41
HB3 ALY A 13 7.33 2.15 -4.59
HB2 ALY A 13 8.28 3.52 -4.00
HA ALY A 13 8.82 1.56 -2.67
H ALY A 13 5.91 1.27 -2.00
N GLN A 14 8.71 4.07 -1.50
CA GLN A 14 8.92 5.05 -0.44
C GLN A 14 8.05 6.28 -0.65
N CYS A 15 6.81 6.22 -0.16
CA CYS A 15 5.88 7.33 -0.30
C CYS A 15 6.51 8.64 0.20
N NH2 A 16 7.39 8.59 1.13
HN1 NH2 A 16 7.08 8.66 2.11
C ACE A 1 2.14 5.83 -1.68
O ACE A 1 2.44 5.71 -2.86
CH3 ACE A 1 2.17 7.17 -0.99
H1 ACE A 1 1.32 7.16 -0.32
H2 ACE A 1 2.27 7.80 -1.88
N TRP A 2 1.75 4.79 -0.93
CA TRP A 2 1.68 3.45 -1.47
C TRP A 2 0.30 3.17 -2.08
N LYS A 3 0.04 1.91 -2.42
CA LYS A 3 -1.23 1.53 -3.00
C LYS A 3 -2.16 0.94 -1.94
N THR A 4 -3.46 1.12 -2.14
CA THR A 4 -4.46 0.61 -1.20
C THR A 4 -5.53 -0.19 -1.92
N ILE A 5 -5.72 -1.43 -1.49
CA ILE A 5 -6.73 -2.31 -2.09
C ILE A 5 -7.33 -3.25 -1.06
OH ALY A 6 -4.20 -7.32 -0.31
CH ALY A 6 -4.94 -7.82 -1.21
CH3 ALY A 6 -4.44 -8.58 -2.41
NZ ALY A 6 -6.31 -7.69 -1.11
CE ALY A 6 -7.09 -6.98 -2.17
CD ALY A 6 -8.58 -7.25 -2.07
CG ALY A 6 -9.35 -6.00 -1.72
CB ALY A 6 -9.08 -5.56 -0.29
CA ALY A 6 -9.37 -4.08 -0.01
N ALY A 6 -8.65 -3.24 -0.96
C ALY A 6 -8.99 -3.73 1.43
O ALY A 6 -8.91 -4.61 2.29
HH31 ALY A 6 -5.27 -9.06 -2.92
HH32 ALY A 6 -3.94 -7.89 -3.09
HH33 ALY A 6 -3.73 -9.34 -2.08
HZ ALY A 6 -6.44 -7.20 -0.23
HE3 ALY A 6 -6.90 -5.91 -2.07
HE2 ALY A 6 -6.71 -7.30 -3.14
HD3 ALY A 6 -8.93 -7.64 -3.02
HD2 ALY A 6 -8.74 -8.02 -1.31
HG3 ALY A 6 -9.06 -5.20 -2.41
HG2 ALY A 6 -10.41 -6.20 -1.84
HB3 ALY A 6 -9.68 -6.18 0.38
HB2 ALY A 6 -8.02 -5.77 -0.07
HA ALY A 6 -10.43 -3.92 -0.13
H ALY A 6 -9.19 -2.61 -1.56
N GLY A 7 -8.77 -2.45 1.67
CA GLY A 7 -8.40 -2.00 3.01
C GLY A 7 -7.23 -2.78 3.57
OH ALY A 8 -7.99 -10.61 2.54
CH ALY A 8 -6.96 -10.33 3.24
CH3 ALY A 8 -5.79 -11.26 3.43
NZ ALY A 8 -6.88 -9.12 3.87
CE ALY A 8 -6.49 -7.89 3.13
CD ALY A 8 -6.28 -6.69 4.05
CG ALY A 8 -4.91 -6.06 3.82
CB ALY A 8 -4.97 -5.00 2.74
CA ALY A 8 -4.94 -3.55 3.25
N ALY A 8 -6.14 -2.84 2.82
C ALY A 8 -3.68 -2.85 2.79
O ALY A 8 -3.63 -2.28 1.69
HH31 ALY A 8 -6.15 -12.28 3.56
HH32 ALY A 8 -5.13 -11.22 2.55
HH33 ALY A 8 -5.23 -10.97 4.31
HZ ALY A 8 -6.21 -9.28 4.61
HE3 ALY A 8 -5.55 -8.09 2.58
HE2 ALY A 8 -7.27 -7.66 2.40
HD3 ALY A 8 -7.05 -5.96 3.85
HD2 ALY A 8 -6.36 -7.03 5.08
HG3 ALY A 8 -4.58 -5.60 4.75
HG2 ALY A 8 -4.19 -6.84 3.54
HB3 ALY A 8 -4.12 -5.16 2.07
HB2 ALY A 8 -5.87 -5.16 2.16
HA ALY A 8 -4.93 -3.59 4.35
H ALY A 8 -6.13 -2.38 1.92
N THR A 9 -2.64 -2.89 3.62
CA THR A 9 -1.37 -2.25 3.29
C THR A 9 -0.33 -3.29 2.90
N TRP A 10 0.89 -2.82 2.66
CA TRP A 10 1.99 -3.70 2.27
C TRP A 10 3.28 -2.92 2.08
N ARG A 11 3.15 -1.69 1.59
CA ARG A 11 4.31 -0.84 1.36
C ARG A 11 5.23 -1.43 0.29
N THR A 12 5.22 -0.82 -0.89
CA THR A 12 6.04 -1.29 -1.99
C THR A 12 7.16 -0.30 -2.31
OH ALY A 13 7.44 5.11 -9.57
CH ALY A 13 7.68 3.90 -9.24
CH3 ALY A 13 8.81 3.08 -9.78
NZ ALY A 13 6.86 3.29 -8.31
CE ALY A 13 7.44 2.61 -7.13
CD ALY A 13 7.95 3.61 -6.09
CG ALY A 13 8.47 2.90 -4.85
CB ALY A 13 7.41 2.82 -3.77
CA ALY A 13 7.82 2.03 -2.53
N ALY A 13 6.84 0.98 -2.26
C ALY A 13 7.98 2.95 -1.33
O ALY A 13 7.48 2.68 -0.24
HH31 ALY A 13 9.46 2.76 -8.98
HH32 ALY A 13 8.40 2.19 -10.28
HH33 ALY A 13 9.38 3.67 -10.50
HZ ALY A 13 6.34 2.61 -8.87
HE3 ALY A 13 6.67 1.98 -6.67
HE2 ALY A 13 8.26 1.97 -7.45
HD3 ALY A 13 8.75 4.19 -6.55
HD2 ALY A 13 7.14 4.28 -5.82
HG3 ALY A 13 8.79 1.89 -5.12
HG2 ALY A 13 9.34 3.44 -4.47
HB3 ALY A 13 7.16 3.85 -3.47
HB2 ALY A 13 6.51 2.39 -4.21
HA ALY A 13 8.79 1.55 -2.73
H ALY A 13 5.90 1.24 -2.01
N GLN A 14 8.70 4.06 -1.55
CA GLN A 14 8.93 5.03 -0.48
C GLN A 14 8.05 6.26 -0.67
N CYS A 15 6.82 6.19 -0.19
CA CYS A 15 5.88 7.30 -0.31
C CYS A 15 6.51 8.59 0.22
N NH2 A 16 7.67 8.56 0.78
HN1 NH2 A 16 8.28 9.37 0.69
C ACE A 1 2.10 5.82 -1.76
O ACE A 1 2.42 5.70 -2.94
CH3 ACE A 1 2.13 7.18 -1.09
H1 ACE A 1 1.27 7.17 -0.42
H2 ACE A 1 2.21 7.80 -1.99
N TRP A 2 1.72 4.80 -1.00
CA TRP A 2 1.66 3.44 -1.53
C TRP A 2 0.28 3.16 -2.13
N LYS A 3 0.04 1.89 -2.45
CA LYS A 3 -1.24 1.48 -3.03
C LYS A 3 -2.16 0.91 -1.97
N THR A 4 -3.47 1.08 -2.17
CA THR A 4 -4.46 0.57 -1.23
C THR A 4 -5.54 -0.24 -1.94
N ILE A 5 -5.72 -1.48 -1.50
CA ILE A 5 -6.71 -2.36 -2.10
C ILE A 5 -7.32 -3.30 -1.04
OH ALY A 6 -3.87 -7.81 -1.70
CH ALY A 6 -4.90 -7.65 -0.96
CH3 ALY A 6 -4.86 -7.06 0.43
NZ ALY A 6 -6.14 -7.99 -1.44
CE ALY A 6 -6.99 -7.00 -2.14
CD ALY A 6 -8.47 -7.33 -2.02
CG ALY A 6 -9.29 -6.10 -1.69
CB ALY A 6 -9.02 -5.63 -0.26
CA ALY A 6 -9.34 -4.15 -0.01
N ALY A 6 -8.64 -3.30 -0.97
C ALY A 6 -9.00 -3.77 1.42
O ALY A 6 -8.91 -4.63 2.30
HH31 ALY A 6 -5.38 -7.73 1.11
HH32 ALY A 6 -3.82 -6.96 0.75
HH33 ALY A 6 -5.34 -6.09 0.44
HZ ALY A 6 -6.63 -8.33 -0.62
HE3 ALY A 6 -6.80 -6.02 -1.72
HE2 ALY A 6 -6.71 -6.98 -3.19
HD3 ALY A 6 -8.82 -7.75 -2.96
HD2 ALY A 6 -8.60 -8.08 -1.24
HG3 ALY A 6 -9.04 -5.30 -2.38
HG2 ALY A 6 -10.35 -6.33 -1.79
HB3 ALY A 6 -9.61 -6.25 0.41
HB2 ALY A 6 -7.97 -5.81 -0.03
HA ALY A 6 -10.41 -4.01 -0.14
H ALY A 6 -9.18 -2.71 -1.59
N GLY A 7 -8.79 -2.48 1.65
CA GLY A 7 -8.44 -2.01 2.98
C GLY A 7 -7.26 -2.75 3.58
OH ALY A 8 -5.95 -10.36 4.14
CH ALY A 8 -7.16 -10.00 4.26
CH3 ALY A 8 -8.32 -10.93 4.47
NZ ALY A 8 -7.48 -8.65 4.21
CE ALY A 8 -6.62 -7.70 3.45
CD ALY A 8 -6.26 -6.48 4.28
CG ALY A 8 -4.87 -5.95 3.93
CB ALY A 8 -4.94 -4.91 2.82
CA ALY A 8 -4.96 -3.46 3.31
N ALY A 8 -6.16 -2.78 2.85
C ALY A 8 -3.69 -2.74 2.85
O ALY A 8 -3.69 -2.10 1.79
HH31 ALY A 8 -7.98 -11.81 5.02
HH32 ALY A 8 -9.11 -10.43 5.04
HH33 ALY A 8 -8.71 -11.25 3.50
HZ ALY A 8 -7.51 -8.38 5.18
HE3 ALY A 8 -5.71 -8.21 3.16
HE2 ALY A 8 -7.14 -7.39 2.56
HD3 ALY A 8 -7.00 -5.69 4.10
HD2 ALY A 8 -6.29 -6.74 5.34
HG3 ALY A 8 -4.43 -5.50 4.82
HG2 ALY A 8 -4.25 -6.79 3.61
HB3 ALY A 8 -4.09 -5.08 2.16
HB2 ALY A 8 -5.84 -5.11 2.24
HA ALY A 8 -4.96 -3.46 4.40
H ALY A 8 -6.14 -2.30 1.95
N THR A 9 -2.63 -2.86 3.63
CA THR A 9 -1.37 -2.21 3.29
C THR A 9 -0.31 -3.25 2.91
N TRP A 10 0.91 -2.78 2.67
CA TRP A 10 2.01 -3.66 2.30
C TRP A 10 3.30 -2.87 2.10
N ARG A 11 3.16 -1.64 1.59
CA ARG A 11 4.32 -0.79 1.35
C ARG A 11 5.23 -1.40 0.29
N THR A 12 5.22 -0.79 -0.90
CA THR A 12 6.04 -1.27 -2.00
C THR A 12 7.15 -0.29 -2.32
OH ALY A 13 11.27 2.65 -8.74
CH ALY A 13 10.09 2.26 -9.02
CH3 ALY A 13 9.71 1.59 -10.32
NZ ALY A 13 9.08 2.43 -8.11
CE ALY A 13 9.06 3.61 -7.22
CD ALY A 13 7.95 3.52 -6.17
CG ALY A 13 8.50 3.06 -4.82
CB ALY A 13 7.38 2.84 -3.82
CA ALY A 13 7.80 2.05 -2.57
N ALY A 13 6.83 1.00 -2.29
C ALY A 13 7.96 3.00 -1.39
O ALY A 13 7.46 2.73 -0.30
HH31 ALY A 13 10.20 0.62 -10.40
HH32 ALY A 13 8.63 1.46 -10.36
HH33 ALY A 13 10.03 2.22 -11.16
HZ ALY A 13 9.13 1.59 -7.55
HE3 ALY A 13 10.02 3.70 -6.72
HE2 ALY A 13 8.90 4.51 -7.82
HD3 ALY A 13 7.48 4.50 -6.07
HD2 ALY A 13 7.20 2.81 -6.51
HG3 ALY A 13 9.06 2.14 -4.96
HG2 ALY A 13 9.19 3.83 -4.45
HB3 ALY A 13 7.00 3.82 -3.52
HB2 ALY A 13 6.57 2.31 -4.33
HA ALY A 13 8.77 1.59 -2.77
H ALY A 13 5.89 1.26 -2.04
N GLN A 14 8.66 4.10 -1.61
CA GLN A 14 8.90 5.08 -0.56
C GLN A 14 8.02 6.31 -0.76
N CYS A 15 6.78 6.24 -0.28
CA CYS A 15 5.84 7.34 -0.41
C CYS A 15 6.45 8.64 0.10
N NH2 A 16 6.94 9.50 -0.74
HN1 NH2 A 16 7.26 9.17 -1.65
C ACE A 1 2.07 5.83 -1.75
O ACE A 1 2.41 5.71 -2.92
CH3 ACE A 1 2.09 7.19 -1.08
H1 ACE A 1 1.24 7.17 -0.40
H2 ACE A 1 2.14 7.82 -1.98
N TRP A 2 1.69 4.81 -0.99
CA TRP A 2 1.63 3.45 -1.52
C TRP A 2 0.27 3.16 -2.13
N LYS A 3 0.02 1.89 -2.45
CA LYS A 3 -1.25 1.47 -3.03
C LYS A 3 -2.17 0.91 -1.97
N THR A 4 -3.48 1.08 -2.18
CA THR A 4 -4.47 0.58 -1.24
C THR A 4 -5.55 -0.24 -1.94
N ILE A 5 -5.73 -1.49 -1.50
CA ILE A 5 -6.72 -2.36 -2.10
C ILE A 5 -7.32 -3.29 -1.06
OH ALY A 6 -4.26 -7.02 -0.27
CH ALY A 6 -4.92 -7.75 -1.09
CH3 ALY A 6 -4.30 -8.65 -2.12
NZ ALY A 6 -6.30 -7.71 -1.06
CE ALY A 6 -7.06 -7.02 -2.13
CD ALY A 6 -8.56 -7.31 -2.03
CG ALY A 6 -9.34 -6.05 -1.69
CB ALY A 6 -9.07 -5.59 -0.26
CA ALY A 6 -9.37 -4.11 0.00
N ALY A 6 -8.65 -3.28 -0.96
C ALY A 6 -8.99 -3.75 1.43
O ALY A 6 -8.91 -4.63 2.30
HH31 ALY A 6 -4.95 -9.50 -2.31
HH32 ALY A 6 -4.14 -8.10 -3.05
HH33 ALY A 6 -3.33 -9.01 -1.75
HZ ALY A 6 -6.50 -7.29 -0.17
HE3 ALY A 6 -6.89 -5.95 -2.05
HE2 ALY A 6 -6.70 -7.35 -3.10
HD3 ALY A 6 -8.91 -7.71 -2.98
HD2 ALY A 6 -8.73 -8.05 -1.26
HG3 ALY A 6 -9.06 -5.26 -2.38
HG2 ALY A 6 -10.41 -6.24 -1.81
HB3 ALY A 6 -9.67 -6.21 0.41
HB2 ALY A 6 -8.02 -5.81 -0.03
HA ALY A 6 -10.43 -3.95 -0.12
H ALY A 6 -9.18 -2.67 -1.56
N GLY A 7 -8.76 -2.47 1.67
CA GLY A 7 -8.39 -2.01 3.00
C GLY A 7 -7.23 -2.78 3.57
OH ALY A 8 -8.64 -6.82 6.10
CH ALY A 8 -8.78 -7.91 5.46
CH3 ALY A 8 -9.43 -9.16 6.01
NZ ALY A 8 -8.30 -8.01 4.17
CE ALY A 8 -6.86 -7.75 3.87
CD ALY A 8 -6.43 -6.35 4.27
CG ALY A 8 -5.00 -6.06 3.84
CB ALY A 8 -4.96 -5.01 2.74
CA ALY A 8 -4.94 -3.57 3.25
N ALY A 8 -6.14 -2.85 2.81
C ALY A 8 -3.68 -2.86 2.78
O ALY A 8 -3.63 -2.34 1.66
HH31 ALY A 8 -8.69 -9.78 6.51
HH32 ALY A 8 -10.20 -8.87 6.73
HH33 ALY A 8 -9.89 -9.71 5.19
HZ ALY A 8 -8.87 -7.35 3.66
HE3 ALY A 8 -6.26 -8.49 4.41
HE2 ALY A 8 -6.70 -7.89 2.81
HD3 ALY A 8 -7.11 -5.62 3.81
HD2 ALY A 8 -6.52 -6.25 5.35
HG3 ALY A 8 -4.44 -5.71 4.70
HG2 ALY A 8 -4.55 -6.99 3.48
HB3 ALY A 8 -4.07 -5.19 2.14
HB2 ALY A 8 -5.83 -5.15 2.10
HA ALY A 8 -4.92 -3.58 4.35
H ALY A 8 -6.13 -2.41 1.91
N THR A 9 -2.66 -2.84 3.64
CA THR A 9 -1.39 -2.20 3.30
C THR A 9 -0.34 -3.22 2.93
N TRP A 10 0.88 -2.75 2.69
CA TRP A 10 1.98 -3.64 2.32
C TRP A 10 3.27 -2.84 2.12
N ARG A 11 3.13 -1.62 1.61
CA ARG A 11 4.29 -0.77 1.37
C ARG A 11 5.21 -1.37 0.31
N THR A 12 5.20 -0.77 -0.88
CA THR A 12 6.03 -1.25 -1.98
C THR A 12 7.14 -0.26 -2.31
OH ALY A 13 5.94 0.72 -8.32
CH ALY A 13 6.68 1.45 -9.08
CH3 ALY A 13 6.62 1.42 -10.58
NZ ALY A 13 7.58 2.31 -8.52
CE ALY A 13 7.34 2.86 -7.14
CD ALY A 13 8.04 2.02 -6.08
CG ALY A 13 8.46 2.87 -4.89
CB ALY A 13 7.39 2.84 -3.79
CA ALY A 13 7.79 2.07 -2.54
N ALY A 13 6.81 1.02 -2.26
C ALY A 13 7.95 3.02 -1.36
O ALY A 13 7.42 2.76 -0.27
HH31 ALY A 13 7.37 2.11 -10.98
HH32 ALY A 13 6.82 0.41 -10.94
HH33 ALY A 13 5.63 1.74 -10.92
HZ ALY A 13 7.62 3.08 -9.18
HE3 ALY A 13 7.73 3.88 -7.11
HE2 ALY A 13 6.28 2.89 -6.95
HD3 ALY A 13 7.37 1.24 -5.75
HD2 ALY A 13 8.93 1.55 -6.51
HG3 ALY A 13 9.39 2.49 -4.49
HG2 ALY A 13 8.61 3.90 -5.22
HB3 ALY A 13 7.16 3.88 -3.53
HB2 ALY A 13 6.49 2.41 -4.22
HA ALY A 13 8.76 1.60 -2.72
H ALY A 13 5.87 1.28 -2.03
N GLN A 14 8.65 4.12 -1.58
CA GLN A 14 8.87 5.11 -0.54
C GLN A 14 7.99 6.33 -0.76
N CYS A 15 6.75 6.27 -0.27
CA CYS A 15 5.81 7.37 -0.41
C CYS A 15 6.43 8.69 0.08
N NH2 A 16 6.16 9.78 -0.54
HN1 NH2 A 16 6.50 9.90 -1.50
C ACE A 1 2.07 5.84 -1.72
O ACE A 1 2.40 5.72 -2.90
CH3 ACE A 1 2.08 7.20 -1.06
H1 ACE A 1 1.23 7.18 -0.37
H2 ACE A 1 2.13 7.82 -1.95
N TRP A 2 1.69 4.82 -0.97
CA TRP A 2 1.63 3.46 -1.50
C TRP A 2 0.26 3.16 -2.10
N LYS A 3 0.02 1.90 -2.44
CA LYS A 3 -1.24 1.48 -3.02
C LYS A 3 -2.17 0.91 -1.95
N THR A 4 -3.47 1.08 -2.15
CA THR A 4 -4.47 0.57 -1.21
C THR A 4 -5.54 -0.24 -1.93
N ILE A 5 -5.72 -1.48 -1.49
CA ILE A 5 -6.71 -2.36 -2.09
C ILE A 5 -7.33 -3.29 -1.05
OH ALY A 6 -4.10 -7.26 -0.48
CH ALY A 6 -4.86 -7.88 -1.30
CH3 ALY A 6 -4.37 -8.76 -2.42
NZ ALY A 6 -6.22 -7.77 -1.16
CE ALY A 6 -7.03 -7.06 -2.19
CD ALY A 6 -8.52 -7.37 -2.07
CG ALY A 6 -9.31 -6.12 -1.73
CB ALY A 6 -9.04 -5.66 -0.30
CA ALY A 6 -9.36 -4.19 -0.05
N ALY A 6 -8.65 -3.34 -1.00
C ALY A 6 -9.01 -3.82 1.39
O ALY A 6 -8.92 -4.68 2.26
HH31 ALY A 6 -5.16 -9.46 -2.71
HH32 ALY A 6 -4.11 -8.13 -3.27
HH33 ALY A 6 -3.49 -9.31 -2.09
HZ ALY A 6 -6.34 -7.31 -0.26
HE3 ALY A 6 -6.87 -5.99 -2.09
HE2 ALY A 6 -6.68 -7.36 -3.18
HD3 ALY A 6 -8.87 -7.79 -3.01
HD2 ALY A 6 -8.66 -8.12 -1.28
HG3 ALY A 6 -9.04 -5.33 -2.43
HG2 ALY A 6 -10.37 -6.33 -1.85
HB3 ALY A 6 -9.64 -6.28 0.37
HB2 ALY A 6 -8.00 -5.86 -0.08
HA ALY A 6 -10.43 -4.03 -0.18
H ALY A 6 -9.19 -2.77 -1.64
N GLY A 7 -8.81 -2.53 1.63
CA GLY A 7 -8.46 -2.06 2.96
C GLY A 7 -7.28 -2.82 3.55
OH ALY A 8 -8.54 -8.65 5.05
CH ALY A 8 -8.95 -8.00 4.02
CH3 ALY A 8 -10.35 -7.46 3.86
NZ ALY A 8 -8.09 -7.76 2.97
CE ALY A 8 -6.62 -7.68 3.21
CD ALY A 8 -6.27 -6.57 4.20
CG ALY A 8 -4.90 -5.98 3.92
CB ALY A 8 -4.95 -4.94 2.80
CA ALY A 8 -4.97 -3.50 3.30
N ALY A 8 -6.16 -2.81 2.85
C ALY A 8 -3.70 -2.78 2.83
O ALY A 8 -3.68 -2.16 1.76
HH31 ALY A 8 -10.85 -7.47 4.83
HH32 ALY A 8 -10.30 -6.44 3.49
HH33 ALY A 8 -10.90 -8.08 3.16
HZ ALY A 8 -8.42 -6.90 2.59
HE3 ALY A 8 -6.26 -8.63 3.59
HE2 ALY A 8 -6.12 -7.48 2.26
HD3 ALY A 8 -7.02 -5.78 4.13
HD2 ALY A 8 -6.29 -6.98 5.22
HG3 ALY A 8 -4.51 -5.53 4.82
HG2 ALY A 8 -4.22 -6.79 3.63
HB3 ALY A 8 -4.09 -5.10 2.16
HB2 ALY A 8 -5.85 -5.13 2.22
HA ALY A 8 -4.95 -3.50 4.39
H ALY A 8 -6.14 -2.31 1.97
N THR A 9 -2.65 -2.85 3.64
CA THR A 9 -1.38 -2.21 3.31
C THR A 9 -0.33 -3.24 2.94
N TRP A 10 0.89 -2.76 2.68
CA TRP A 10 2.00 -3.64 2.31
C TRP A 10 3.28 -2.85 2.11
N ARG A 11 3.15 -1.62 1.61
CA ARG A 11 4.30 -0.76 1.36
C ARG A 11 5.21 -1.37 0.31
N THR A 12 5.20 -0.77 -0.88
CA THR A 12 6.03 -1.25 -1.99
C THR A 12 7.15 -0.25 -2.30
OH ALY A 13 8.74 1.93 -8.55
CH ALY A 13 9.42 3.01 -8.46
CH3 ALY A 13 10.85 3.15 -8.91
NZ ALY A 13 8.83 4.12 -7.93
CE ALY A 13 9.29 4.67 -6.62
CD ALY A 13 8.26 4.46 -5.53
CG ALY A 13 8.53 3.18 -4.74
CB ALY A 13 7.38 2.87 -3.80
CA ALY A 13 7.78 2.08 -2.55
N ALY A 13 6.82 1.03 -2.26
C ALY A 13 7.94 3.03 -1.36
O ALY A 13 7.43 2.77 -0.27
HH31 ALY A 13 10.99 2.62 -9.86
HH32 ALY A 13 11.08 4.21 -9.05
HH33 ALY A 13 11.51 2.73 -8.17
HZ ALY A 13 7.85 3.88 -7.86
HE3 ALY A 13 10.22 4.17 -6.34
HE2 ALY A 13 9.50 5.73 -6.73
HD3 ALY A 13 8.28 5.32 -4.85
HD2 ALY A 13 7.27 4.41 -5.97
HG3 ALY A 13 8.66 2.36 -5.44
HG2 ALY A 13 9.45 3.31 -4.16
HB3 ALY A 13 6.91 3.81 -3.50
HB2 ALY A 13 6.63 2.30 -4.36
HA ALY A 13 8.75 1.62 -2.73
H ALY A 13 5.87 1.29 -2.02
N GLN A 14 8.65 4.13 -1.58
CA GLN A 14 8.86 5.12 -0.53
C GLN A 14 7.98 6.35 -0.74
N CYS A 15 6.75 6.28 -0.25
CA CYS A 15 5.81 7.38 -0.39
C CYS A 15 6.43 8.68 0.11
N NH2 A 16 5.85 9.81 -0.16
HN1 NH2 A 16 5.04 10.08 0.39
C ACE A 1 2.15 5.82 -1.67
O ACE A 1 2.51 5.70 -2.84
CH3 ACE A 1 2.16 7.17 -0.99
H1 ACE A 1 1.35 7.14 -0.26
H2 ACE A 1 2.15 7.82 -1.86
N TRP A 2 1.73 4.79 -0.94
CA TRP A 2 1.67 3.44 -1.48
C TRP A 2 0.29 3.15 -2.09
N LYS A 3 0.06 1.89 -2.42
CA LYS A 3 -1.21 1.48 -3.00
C LYS A 3 -2.15 0.91 -1.94
N THR A 4 -3.45 1.10 -2.13
CA THR A 4 -4.44 0.60 -1.19
C THR A 4 -5.53 -0.19 -1.90
N ILE A 5 -5.72 -1.44 -1.48
CA ILE A 5 -6.73 -2.31 -2.07
C ILE A 5 -7.34 -3.24 -1.03
OH ALY A 6 -5.03 -6.52 0.02
CH ALY A 6 -5.05 -7.31 -0.98
CH3 ALY A 6 -3.82 -7.74 -1.75
NZ ALY A 6 -6.25 -7.83 -1.42
CE ALY A 6 -7.13 -7.05 -2.33
CD ALY A 6 -8.60 -7.34 -2.09
CG ALY A 6 -9.37 -6.07 -1.75
CB ALY A 6 -9.07 -5.62 -0.32
CA ALY A 6 -9.38 -4.14 -0.05
N ALY A 6 -8.67 -3.29 -0.99
C ALY A 6 -9.02 -3.79 1.39
O ALY A 6 -8.94 -4.66 2.25
HH31 ALY A 6 -3.09 -8.17 -1.07
HH32 ALY A 6 -4.10 -8.48 -2.49
HH33 ALY A 6 -3.38 -6.87 -2.24
HZ ALY A 6 -6.74 -8.02 -0.56
HE3 ALY A 6 -6.93 -5.98 -2.18
HE2 ALY A 6 -6.87 -7.29 -3.35
HD3 ALY A 6 -9.03 -7.78 -2.99
HD2 ALY A 6 -8.69 -8.06 -1.27
HG3 ALY A 6 -9.08 -5.28 -2.44
HG2 ALY A 6 -10.43 -6.26 -1.85
HB3 ALY A 6 -9.66 -6.24 0.36
HB2 ALY A 6 -8.01 -5.81 -0.11
HA ALY A 6 -10.45 -3.98 -0.17
H ALY A 6 -9.20 -2.73 -1.65
N GLY A 7 -8.81 -2.50 1.64
CA GLY A 7 -8.46 -2.05 2.97
C GLY A 7 -7.28 -2.82 3.55
OH ALY A 8 -5.37 -9.87 1.51
CH ALY A 8 -5.92 -10.02 2.66
CH3 ALY A 8 -6.56 -11.29 3.15
NZ ALY A 8 -5.93 -8.95 3.53
CE ALY A 8 -6.62 -7.68 3.16
CD ALY A 8 -6.31 -6.56 4.15
CG ALY A 8 -4.91 -5.98 3.89
CB ALY A 8 -4.95 -4.93 2.79
CA ALY A 8 -4.96 -3.48 3.30
N ALY A 8 -6.15 -2.79 2.85
C ALY A 8 -3.69 -2.77 2.85
O ALY A 8 -3.68 -2.11 1.79
HH31 ALY A 8 -6.63 -12.00 2.33
HH32 ALY A 8 -5.95 -11.72 3.95
HH33 ALY A 8 -7.56 -11.07 3.54
HZ ALY A 8 -4.95 -8.77 3.70
HE3 ALY A 8 -6.31 -7.39 2.17
HE2 ALY A 8 -7.69 -7.86 3.15
HD3 ALY A 8 -7.05 -5.77 4.04
HD2 ALY A 8 -6.35 -6.95 5.16
HG3 ALY A 8 -4.54 -5.53 4.82
HG2 ALY A 8 -4.24 -6.79 3.61
HB3 ALY A 8 -4.09 -5.09 2.15
HB2 ALY A 8 -5.84 -5.10 2.19
HA ALY A 8 -4.95 -3.50 4.39
H ALY A 8 -6.13 -2.27 1.98
N THR A 9 -2.63 -2.88 3.63
CA THR A 9 -1.36 -2.24 3.31
C THR A 9 -0.31 -3.27 2.91
N TRP A 10 0.91 -2.80 2.65
CA TRP A 10 2.00 -3.68 2.27
C TRP A 10 3.29 -2.89 2.06
N ARG A 11 3.16 -1.66 1.57
CA ARG A 11 4.31 -0.81 1.33
C ARG A 11 5.22 -1.41 0.26
N THR A 12 5.21 -0.81 -0.93
CA THR A 12 6.03 -1.29 -2.03
C THR A 12 7.15 -0.31 -2.33
OH ALY A 13 2.52 5.28 -7.86
CH ALY A 13 3.26 4.40 -7.33
CH3 ALY A 13 3.07 2.91 -7.48
NZ ALY A 13 4.33 4.79 -6.55
CE ALY A 13 4.35 4.51 -5.09
CD ALY A 13 5.22 3.31 -4.76
CG ALY A 13 6.21 3.63 -3.65
CB ALY A 13 7.48 2.80 -3.78
CA ALY A 13 7.85 2.01 -2.53
N ALY A 13 6.86 0.98 -2.26
C ALY A 13 7.99 2.96 -1.34
O ALY A 13 7.46 2.70 -0.26
HH31 ALY A 13 4.03 2.42 -7.58
HH32 ALY A 13 2.55 2.51 -6.60
HH33 ALY A 13 2.47 2.71 -8.37
HZ ALY A 13 4.37 5.79 -6.70
HE3 ALY A 13 4.73 5.39 -4.57
HE2 ALY A 13 3.33 4.33 -4.75
HD3 ALY A 13 4.58 2.49 -4.44
HD2 ALY A 13 5.76 3.00 -5.65
HG3 ALY A 13 6.47 4.70 -3.71
HG2 ALY A 13 5.75 3.44 -2.69
HB3 ALY A 13 7.34 2.11 -4.62
HB2 ALY A 13 8.30 3.47 -4.05
HA ALY A 13 8.82 1.53 -2.69
H ALY A 13 5.92 1.25 -2.01
N GLN A 14 8.72 4.05 -1.55
CA GLN A 14 8.93 5.03 -0.49
C GLN A 14 8.07 6.27 -0.72
N CYS A 15 6.85 6.24 -0.21
CA CYS A 15 5.93 7.35 -0.36
C CYS A 15 6.58 8.66 0.09
N NH2 A 16 7.86 8.77 0.07
HN1 NH2 A 16 8.33 8.92 -0.84
C ACE A 1 2.08 5.81 -1.74
O ACE A 1 2.43 5.70 -2.92
CH3 ACE A 1 2.10 7.18 -1.08
H1 ACE A 1 1.26 7.15 -0.38
H2 ACE A 1 2.12 7.81 -1.96
N TRP A 2 1.69 4.80 -1.00
CA TRP A 2 1.64 3.43 -1.52
C TRP A 2 0.28 3.14 -2.12
N LYS A 3 0.04 1.87 -2.45
CA LYS A 3 -1.23 1.46 -3.04
C LYS A 3 -2.16 0.90 -1.97
N THR A 4 -3.46 1.07 -2.17
CA THR A 4 -4.46 0.58 -1.23
C THR A 4 -5.53 -0.23 -1.94
N ILE A 5 -5.71 -1.48 -1.51
CA ILE A 5 -6.71 -2.36 -2.11
C ILE A 5 -7.31 -3.29 -1.06
OH ALY A 6 -5.53 -6.73 0.15
CH ALY A 6 -5.28 -7.75 -0.60
CH3 ALY A 6 -4.10 -8.67 -0.42
NZ ALY A 6 -6.13 -8.05 -1.63
CE ALY A 6 -7.01 -6.99 -2.22
CD ALY A 6 -8.48 -7.31 -2.02
CG ALY A 6 -9.28 -6.05 -1.69
CB ALY A 6 -9.03 -5.60 -0.26
CA ALY A 6 -9.34 -4.13 -0.01
N ALY A 6 -8.64 -3.28 -0.96
C ALY A 6 -8.99 -3.75 1.43
O ALY A 6 -8.89 -4.61 2.30
HH31 ALY A 6 -4.12 -9.11 0.58
HH32 ALY A 6 -4.14 -9.47 -1.17
HH33 ALY A 6 -3.18 -8.10 -0.55
HZ ALY A 6 -6.70 -8.80 -1.26
HE3 ALY A 6 -6.77 -6.04 -1.76
HE2 ALY A 6 -6.80 -6.93 -3.29
HD3 ALY A 6 -8.88 -7.76 -2.93
HD2 ALY A 6 -8.59 -8.03 -1.20
HG3 ALY A 6 -8.98 -5.26 -2.37
HG2 ALY A 6 -10.34 -6.26 -1.83
HB3 ALY A 6 -9.64 -6.21 0.40
HB2 ALY A 6 -7.99 -5.80 -0.02
HA ALY A 6 -10.42 -3.97 -0.12
H ALY A 6 -9.17 -2.67 -1.57
N GLY A 7 -8.76 -2.46 1.66
CA GLY A 7 -8.42 -1.99 2.99
C GLY A 7 -7.24 -2.76 3.58
OH ALY A 8 -6.12 -8.73 6.21
CH ALY A 8 -7.36 -8.75 5.94
CH3 ALY A 8 -8.45 -9.15 6.91
NZ ALY A 8 -7.79 -8.38 4.67
CE ALY A 8 -6.87 -7.68 3.74
CD ALY A 8 -6.43 -6.34 4.28
CG ALY A 8 -5.00 -6.02 3.87
CB ALY A 8 -4.95 -4.97 2.77
CA ALY A 8 -4.94 -3.53 3.28
N ALY A 8 -6.15 -2.82 2.82
C ALY A 8 -3.69 -2.81 2.80
O ALY A 8 -3.64 -2.24 1.71
HH31 ALY A 8 -9.31 -8.51 6.78
HH32 ALY A 8 -8.73 -10.19 6.73
HH33 ALY A 8 -8.07 -9.06 7.92
HZ ALY A 8 -8.59 -7.80 4.86
HE3 ALY A 8 -6.00 -8.32 3.57
HE2 ALY A 8 -7.38 -7.55 2.78
HD3 ALY A 8 -7.10 -5.57 3.89
HD2 ALY A 8 -6.51 -6.34 5.37
HG3 ALY A 8 -4.45 -5.65 4.74
HG2 ALY A 8 -4.52 -6.93 3.52
HB3 ALY A 8 -4.06 -5.15 2.17
HB2 ALY A 8 -5.81 -5.13 2.12
HA ALY A 8 -4.94 -3.54 4.36
H ALY A 8 -6.15 -2.38 1.92
N THR A 9 -2.65 -2.85 3.63
CA THR A 9 -1.39 -2.20 3.31
C THR A 9 -0.32 -3.24 2.93
N TRP A 10 0.89 -2.76 2.68
CA TRP A 10 1.99 -3.65 2.31
C TRP A 10 3.28 -2.85 2.11
N ARG A 11 3.14 -1.63 1.59
CA ARG A 11 4.30 -0.77 1.35
C ARG A 11 5.21 -1.38 0.30
N THR A 12 5.21 -0.78 -0.89
CA THR A 12 6.03 -1.27 -2.00
C THR A 12 7.14 -0.28 -2.32
OH ALY A 13 9.73 7.62 -6.71
CH ALY A 13 9.39 6.80 -7.64
CH3 ALY A 13 8.97 7.22 -9.03
NZ ALY A 13 9.38 5.45 -7.38
CE ALY A 13 9.76 4.93 -6.05
CD ALY A 13 8.53 4.60 -5.20
CG ALY A 13 8.55 3.14 -4.75
CB ALY A 13 7.40 2.83 -3.81
CA ALY A 13 7.79 2.05 -2.55
N ALY A 13 6.82 1.01 -2.27
C ALY A 13 7.95 3.00 -1.37
O ALY A 13 7.43 2.75 -0.29
HH31 ALY A 13 9.85 7.55 -9.59
HH32 ALY A 13 8.51 6.38 -9.54
HH33 ALY A 13 8.26 8.04 -8.97
HZ ALY A 13 10.00 5.07 -8.08
HE3 ALY A 13 10.36 4.03 -6.18
HE2 ALY A 13 10.36 5.68 -5.54
HD3 ALY A 13 8.52 5.24 -4.32
HD2 ALY A 13 7.63 4.78 -5.78
HG3 ALY A 13 8.48 2.50 -5.63
HG2 ALY A 13 9.50 2.93 -4.25
HB3 ALY A 13 6.94 3.78 -3.52
HB2 ALY A 13 6.64 2.27 -4.36
HA ALY A 13 8.76 1.59 -2.73
H ALY A 13 5.88 1.27 -2.04
N GLN A 14 8.66 4.10 -1.59
CA GLN A 14 8.87 5.09 -0.55
C GLN A 14 8.00 6.32 -0.76
N CYS A 15 6.77 6.27 -0.28
CA CYS A 15 5.83 7.37 -0.41
C CYS A 15 6.46 8.67 0.07
N NH2 A 16 6.64 9.64 -0.77
HN1 NH2 A 16 7.06 9.43 -1.69
C ACE A 1 2.12 5.83 -1.62
O ACE A 1 2.44 5.73 -2.80
CH3 ACE A 1 2.13 7.18 -0.93
H1 ACE A 1 1.29 7.16 -0.24
H2 ACE A 1 2.19 7.82 -1.81
N TRP A 2 1.72 4.80 -0.89
CA TRP A 2 1.66 3.45 -1.43
C TRP A 2 0.29 3.18 -2.05
N LYS A 3 0.04 1.91 -2.38
CA LYS A 3 -1.22 1.51 -2.98
C LYS A 3 -2.16 0.93 -1.92
N THR A 4 -3.46 1.11 -2.12
CA THR A 4 -4.46 0.61 -1.17
C THR A 4 -5.53 -0.20 -1.90
N ILE A 5 -5.72 -1.44 -1.49
CA ILE A 5 -6.73 -2.31 -2.09
C ILE A 5 -7.34 -3.25 -1.06
OH ALY A 6 -5.20 -6.43 -0.15
CH ALY A 6 -5.09 -7.33 -1.04
CH3 ALY A 6 -3.77 -7.87 -1.56
NZ ALY A 6 -6.22 -7.89 -1.60
CE ALY A 6 -7.14 -7.06 -2.43
CD ALY A 6 -8.60 -7.34 -2.12
CG ALY A 6 -9.35 -6.07 -1.77
CB ALY A 6 -9.05 -5.62 -0.34
CA ALY A 6 -9.36 -4.14 -0.06
N ALY A 6 -8.66 -3.29 -1.01
C ALY A 6 -9.01 -3.80 1.37
O ALY A 6 -8.93 -4.67 2.23
HH31 ALY A 6 -3.95 -8.65 -2.29
HH32 ALY A 6 -3.22 -7.05 -2.04
HH33 ALY A 6 -3.19 -8.26 -0.73
HZ ALY A 6 -6.71 -8.25 -0.81
HE3 ALY A 6 -6.93 -6.00 -2.24
HE2 ALY A 6 -6.95 -7.27 -3.48
HD3 ALY A 6 -9.06 -7.81 -2.98
HD2 ALY A 6 -8.65 -8.04 -1.28
HG3 ALY A 6 -9.06 -5.28 -2.47
HG2 ALY A 6 -10.42 -6.25 -1.88
HB3 ALY A 6 -9.63 -6.25 0.34
HB2 ALY A 6 -8.00 -5.81 -0.15
HA ALY A 6 -10.44 -3.99 -0.20
H ALY A 6 -9.19 -2.70 -1.63
N GLY A 7 -8.81 -2.51 1.63
CA GLY A 7 -8.46 -2.06 2.97
C GLY A 7 -7.28 -2.83 3.55
OH ALY A 8 -8.48 -9.82 3.67
CH ALY A 8 -8.84 -8.75 3.08
CH3 ALY A 8 -10.27 -8.40 2.73
NZ ALY A 8 -7.88 -7.83 2.72
CE ALY A 8 -6.54 -7.85 3.35
CD ALY A 8 -6.27 -6.59 4.17
CG ALY A 8 -4.89 -6.02 3.87
CB ALY A 8 -4.96 -4.96 2.77
CA ALY A 8 -4.97 -3.52 3.29
N ALY A 8 -6.16 -2.82 2.84
C ALY A 8 -3.70 -2.79 2.83
O ALY A 8 -3.69 -2.15 1.78
HH31 ALY A 8 -10.41 -8.50 1.65
HH32 ALY A 8 -10.94 -9.08 3.25
HH33 ALY A 8 -10.46 -7.37 3.03
HZ ALY A 8 -8.33 -6.94 2.90
HE3 ALY A 8 -6.46 -8.72 4.00
HE2 ALY A 8 -5.78 -7.95 2.57
HD3 ALY A 8 -7.03 -5.85 3.93
HD2 ALY A 8 -6.34 -6.84 5.23
HG3 ALY A 8 -4.48 -5.58 4.77
HG2 ALY A 8 -4.23 -6.82 3.54
HB3 ALY A 8 -4.11 -5.10 2.11
HB2 ALY A 8 -5.86 -5.14 2.18
HA ALY A 8 -4.97 -3.54 4.37
H ALY A 8 -6.15 -2.32 1.96
N THR A 9 -2.65 -2.92 3.62
CA THR A 9 -1.38 -2.27 3.30
C THR A 9 -0.32 -3.29 2.91
N TRP A 10 0.90 -2.83 2.66
CA TRP A 10 1.99 -3.70 2.27
C TRP A 10 3.28 -2.92 2.08
N ARG A 11 3.15 -1.69 1.60
CA ARG A 11 4.31 -0.83 1.37
C ARG A 11 5.22 -1.42 0.29
N THR A 12 5.21 -0.81 -0.89
CA THR A 12 6.03 -1.27 -2.00
C THR A 12 7.15 -0.27 -2.30
OH ALY A 13 11.03 2.04 -9.24
CH ALY A 13 10.71 3.19 -8.80
CH3 ALY A 13 11.46 4.46 -9.12
NZ ALY A 13 9.61 3.32 -7.98
CE ALY A 13 9.23 2.23 -7.03
CD ALY A 13 8.06 2.61 -6.16
CG ALY A 13 8.52 3.04 -4.77
CB ALY A 13 7.40 2.86 -3.74
CA ALY A 13 7.81 2.06 -2.51
N ALY A 13 6.83 1.01 -2.24
C ALY A 13 7.97 2.99 -1.31
O ALY A 13 7.45 2.71 -0.22
HH31 ALY A 13 10.84 5.33 -8.85
HH32 ALY A 13 12.39 4.49 -8.55
HH33 ALY A 13 11.68 4.49 -10.19
HZ ALY A 13 8.85 3.48 -8.63
HE3 ALY A 13 8.98 1.34 -7.61
HE2 ALY A 13 10.10 2.00 -6.41
HD3 ALY A 13 7.52 3.44 -6.64
HD2 ALY A 13 7.38 1.76 -6.08
HG3 ALY A 13 9.38 2.44 -4.49
HG2 ALY A 13 8.81 4.09 -4.80
HB3 ALY A 13 7.06 3.86 -3.45
HB2 ALY A 13 6.57 2.37 -4.25
HA ALY A 13 8.77 1.59 -2.70
H ALY A 13 5.88 1.27 -2.00
N GLN A 14 8.68 4.09 -1.51
CA GLN A 14 8.90 5.06 -0.45
C GLN A 14 8.03 6.29 -0.65
N CYS A 15 6.80 6.22 -0.16
CA CYS A 15 5.87 7.34 -0.27
C CYS A 15 6.49 8.63 0.24
N NH2 A 16 6.77 8.75 1.49
HN1 NH2 A 16 6.01 8.72 2.17
C ACE A 1 2.10 5.84 -1.63
O ACE A 1 2.44 5.72 -2.81
CH3 ACE A 1 2.13 7.19 -0.94
H1 ACE A 1 1.28 7.16 -0.25
H2 ACE A 1 2.18 7.82 -1.82
N TRP A 2 1.72 4.80 -0.89
CA TRP A 2 1.65 3.45 -1.44
C TRP A 2 0.29 3.17 -2.05
N LYS A 3 0.04 1.91 -2.38
CA LYS A 3 -1.23 1.51 -2.98
C LYS A 3 -2.16 0.93 -1.92
N THR A 4 -3.46 1.11 -2.12
CA THR A 4 -4.45 0.61 -1.18
C THR A 4 -5.54 -0.19 -1.90
N ILE A 5 -5.72 -1.45 -1.50
CA ILE A 5 -6.72 -2.31 -2.11
C ILE A 5 -7.33 -3.25 -1.08
OH ALY A 6 -4.82 -6.88 -0.61
CH ALY A 6 -4.97 -7.73 -1.55
CH3 ALY A 6 -3.83 -8.41 -2.28
NZ ALY A 6 -6.24 -8.06 -1.97
CE ALY A 6 -7.17 -7.03 -2.48
CD ALY A 6 -8.62 -7.32 -2.11
CG ALY A 6 -9.37 -6.05 -1.76
CB ALY A 6 -9.05 -5.59 -0.34
CA ALY A 6 -9.35 -4.13 -0.06
N ALY A 6 -8.65 -3.27 -0.99
C ALY A 6 -9.00 -3.77 1.39
O ALY A 6 -8.92 -4.65 2.24
HH31 ALY A 6 -4.14 -8.64 -3.30
HH32 ALY A 6 -2.97 -7.74 -2.31
HH33 ALY A 6 -3.56 -9.32 -1.76
HZ ALY A 6 -6.65 -8.50 -1.15
HE3 ALY A 6 -6.88 -6.06 -2.08
HE2 ALY A 6 -7.08 -6.98 -3.57
HD3 ALY A 6 -9.11 -7.81 -2.95
HD2 ALY A 6 -8.63 -8.00 -1.26
HG3 ALY A 6 -9.08 -5.26 -2.46
HG2 ALY A 6 -10.44 -6.23 -1.85
HB3 ALY A 6 -9.62 -6.23 0.35
HB2 ALY A 6 -8.00 -5.79 -0.15
HA ALY A 6 -10.43 -3.96 -0.17
H ALY A 6 -9.18 -2.66 -1.61
N GLY A 7 -8.78 -2.49 1.64
CA GLY A 7 -8.44 -2.05 2.98
C GLY A 7 -7.27 -2.82 3.55
OH ALY A 8 -9.58 -7.99 2.87
CH ALY A 8 -8.96 -8.87 3.54
CH3 ALY A 8 -9.51 -10.24 3.85
NZ ALY A 8 -7.72 -8.60 4.05
CE ALY A 8 -6.79 -7.69 3.32
CD ALY A 8 -6.35 -6.50 4.18
CG ALY A 8 -4.94 -6.05 3.83
CB ALY A 8 -4.96 -4.99 2.74
CA ALY A 8 -4.96 -3.55 3.26
N ALY A 8 -6.15 -2.85 2.82
C ALY A 8 -3.70 -2.83 2.80
O ALY A 8 -3.67 -2.23 1.73
HH31 ALY A 8 -10.06 -10.62 2.97
HH32 ALY A 8 -8.70 -10.92 4.08
HH33 ALY A 8 -10.20 -10.19 4.69
HZ ALY A 8 -7.29 -9.51 4.13
HE3 ALY A 8 -5.91 -8.26 3.01
HE2 ALY A 8 -7.29 -7.32 2.43
HD3 ALY A 8 -7.06 -5.68 4.03
HD2 ALY A 8 -6.39 -6.81 5.23
HG3 ALY A 8 -4.48 -5.65 4.73
HG2 ALY A 8 -4.37 -6.91 3.49
HB3 ALY A 8 -4.09 -5.16 2.10
HB2 ALY A 8 -5.86 -5.15 2.13
HA ALY A 8 -4.95 -3.58 4.35
H ALY A 8 -6.15 -2.36 1.93
N THR A 9 -2.65 -2.91 3.62
CA THR A 9 -1.38 -2.26 3.30
C THR A 9 -0.33 -3.30 2.90
N TRP A 10 0.89 -2.83 2.67
CA TRP A 10 1.99 -3.70 2.27
C TRP A 10 3.27 -2.91 2.09
N ARG A 11 3.15 -1.69 1.60
CA ARG A 11 4.31 -0.83 1.37
C ARG A 11 5.21 -1.42 0.30
N THR A 12 5.20 -0.80 -0.88
CA THR A 12 6.03 -1.26 -1.99
C THR A 12 7.15 -0.27 -2.30
OH ALY A 13 9.00 6.09 -9.15
CH ALY A 13 8.06 5.28 -8.87
CH3 ALY A 13 6.59 5.62 -8.96
NZ ALY A 13 8.36 4.01 -8.45
CE ALY A 13 9.01 3.78 -7.13
CD ALY A 13 8.01 3.82 -5.98
CG ALY A 13 8.47 2.98 -4.80
CB ALY A 13 7.39 2.87 -3.75
CA ALY A 13 7.80 2.06 -2.51
N ALY A 13 6.82 1.01 -2.23
C ALY A 13 7.96 2.99 -1.31
O ALY A 13 7.45 2.71 -0.22
HH31 ALY A 13 6.07 4.85 -9.54
HH32 ALY A 13 6.16 5.66 -7.96
HH33 ALY A 13 6.47 6.58 -9.45
HZ ALY A 13 8.95 3.64 -9.18
HE3 ALY A 13 9.50 2.80 -7.14
HE2 ALY A 13 9.77 4.54 -6.97
HD3 ALY A 13 7.88 4.85 -5.67
HD2 ALY A 13 7.05 3.45 -6.34
HG3 ALY A 13 8.75 1.99 -5.16
HG2 ALY A 13 9.36 3.45 -4.38
HB3 ALY A 13 7.11 3.87 -3.45
HB2 ALY A 13 6.51 2.41 -4.20
HA ALY A 13 8.76 1.60 -2.70
H ALY A 13 5.88 1.27 -1.99
N GLN A 14 8.67 4.10 -1.52
CA GLN A 14 8.90 5.07 -0.45
C GLN A 14 8.03 6.29 -0.64
N CYS A 15 6.79 6.22 -0.15
CA CYS A 15 5.85 7.33 -0.27
C CYS A 15 6.48 8.63 0.24
N NH2 A 16 6.69 8.76 1.51
HN1 NH2 A 16 5.90 8.72 2.15
C ACE A 1 2.08 5.84 -1.73
O ACE A 1 2.39 5.71 -2.92
CH3 ACE A 1 2.09 7.19 -1.06
H1 ACE A 1 1.24 7.18 -0.39
H2 ACE A 1 2.17 7.82 -1.95
N TRP A 2 1.69 4.82 -0.98
CA TRP A 2 1.63 3.46 -1.50
C TRP A 2 0.26 3.16 -2.10
N LYS A 3 0.02 1.90 -2.44
CA LYS A 3 -1.25 1.49 -3.01
C LYS A 3 -2.18 0.91 -1.95
N THR A 4 -3.48 1.07 -2.16
CA THR A 4 -4.48 0.56 -1.22
C THR A 4 -5.54 -0.26 -1.93
N ILE A 5 -5.73 -1.50 -1.49
CA ILE A 5 -6.72 -2.38 -2.09
C ILE A 5 -7.33 -3.32 -1.05
OH ALY A 6 -4.57 -7.21 0.32
CH ALY A 6 -4.90 -7.47 -0.88
CH3 ALY A 6 -3.95 -7.43 -2.06
NZ ALY A 6 -6.20 -7.83 -1.16
CE ALY A 6 -7.00 -7.06 -2.15
CD ALY A 6 -8.48 -7.38 -2.06
CG ALY A 6 -9.30 -6.14 -1.72
CB ALY A 6 -9.03 -5.68 -0.30
CA ALY A 6 -9.36 -4.20 -0.04
N ALY A 6 -8.65 -3.35 -1.00
C ALY A 6 -9.02 -3.83 1.39
O ALY A 6 -8.93 -4.68 2.27
HH31 ALY A 6 -4.51 -7.63 -2.98
HH32 ALY A 6 -3.50 -6.43 -2.12
HH33 ALY A 6 -3.17 -8.17 -1.93
HZ ALY A 6 -6.65 -7.80 -0.27
HE3 ALY A 6 -6.84 -6.00 -1.98
HE2 ALY A 6 -6.64 -7.30 -3.16
HD3 ALY A 6 -8.82 -7.79 -3.01
HD2 ALY A 6 -8.63 -8.13 -1.28
HG3 ALY A 6 -9.03 -5.34 -2.42
HG2 ALY A 6 -10.35 -6.37 -1.84
HB3 ALY A 6 -9.63 -6.29 0.37
HB2 ALY A 6 -7.98 -5.86 -0.07
HA ALY A 6 -10.43 -4.05 -0.17
H ALY A 6 -9.19 -2.77 -1.63
N GLY A 7 -8.82 -2.53 1.62
CA GLY A 7 -8.48 -2.07 2.96
C GLY A 7 -7.30 -2.82 3.56
OH ALY A 8 -8.49 -8.64 5.97
CH ALY A 8 -7.89 -9.31 5.07
CH3 ALY A 8 -8.48 -10.51 4.37
NZ ALY A 8 -6.62 -8.95 4.69
CE ALY A 8 -6.42 -7.89 3.66
CD ALY A 8 -6.23 -6.51 4.28
CG ALY A 8 -4.86 -5.93 3.96
CB ALY A 8 -4.95 -4.91 2.85
CA ALY A 8 -4.96 -3.45 3.33
N ALY A 8 -6.17 -2.77 2.87
C ALY A 8 -3.71 -2.73 2.85
O ALY A 8 -3.70 -2.08 1.80
HH31 ALY A 8 -9.23 -10.18 3.65
HH32 ALY A 8 -7.68 -11.06 3.85
HH33 ALY A 8 -8.95 -11.17 5.10
HZ ALY A 8 -6.21 -9.81 4.36
HE3 ALY A 8 -5.53 -8.13 3.07
HE2 ALY A 8 -7.28 -7.87 2.99
HD3 ALY A 8 -7.01 -5.85 3.91
HD2 ALY A 8 -6.35 -6.60 5.36
HG3 ALY A 8 -4.45 -5.47 4.86
HG2 ALY A 8 -4.20 -6.75 3.66
HB3 ALY A 8 -4.09 -5.06 2.18
HB2 ALY A 8 -5.85 -5.11 2.27
HA ALY A 8 -4.96 -3.45 4.42
H ALY A 8 -6.15 -2.27 2.00
N THR A 9 -2.64 -2.85 3.63
CA THR A 9 -1.38 -2.20 3.30
C THR A 9 -0.32 -3.23 2.92
N TRP A 10 0.90 -2.76 2.68
CA TRP A 10 2.00 -3.64 2.30
C TRP A 10 3.29 -2.85 2.11
N ARG A 11 3.15 -1.62 1.60
CA ARG A 11 4.31 -0.76 1.37
C ARG A 11 5.23 -1.37 0.31
N THR A 12 5.21 -0.77 -0.88
CA THR A 12 6.04 -1.24 -1.98
C THR A 12 7.15 -0.25 -2.31
OH ALY A 13 7.65 7.23 -6.57
CH ALY A 13 8.47 6.63 -7.34
CH3 ALY A 13 8.30 6.51 -8.84
NZ ALY A 13 9.59 6.04 -6.81
CE ALY A 13 9.48 5.14 -5.63
CD ALY A 13 8.27 4.22 -5.72
CG ALY A 13 8.45 2.97 -4.87
CB ALY A 13 7.37 2.88 -3.80
CA ALY A 13 7.79 2.09 -2.55
N ALY A 13 6.82 1.03 -2.27
C ALY A 13 7.95 3.03 -1.37
O ALY A 13 7.44 2.76 -0.28
HH31 ALY A 13 7.72 5.62 -9.07
HH32 ALY A 13 7.77 7.39 -9.21
HH33 ALY A 13 9.28 6.45 -9.31
HZ ALY A 13 10.18 6.82 -6.58
HE3 ALY A 13 10.39 4.53 -5.56
HE2 ALY A 13 9.40 5.74 -4.73
HD3 ALY A 13 7.39 4.76 -5.39
HD2 ALY A 13 8.13 3.93 -6.76
HG3 ALY A 13 8.41 2.09 -5.51
HG2 ALY A 13 9.43 3.00 -4.40
HB3 ALY A 13 7.09 3.89 -3.51
HB2 ALY A 13 6.49 2.41 -4.25
HA ALY A 13 8.76 1.62 -2.74
H ALY A 13 5.87 1.29 -2.03
N GLN A 14 8.65 4.13 -1.59
CA GLN A 14 8.88 5.11 -0.53
C GLN A 14 7.99 6.34 -0.73
N CYS A 15 6.75 6.26 -0.26
CA CYS A 15 5.81 7.36 -0.39
C CYS A 15 6.42 8.66 0.14
N NH2 A 16 5.84 9.79 -0.13
HN1 NH2 A 16 4.93 9.99 0.28
C ACE A 1 2.09 5.82 -1.75
O ACE A 1 2.42 5.70 -2.93
CH3 ACE A 1 2.11 7.18 -1.08
H1 ACE A 1 1.27 7.17 -0.39
H2 ACE A 1 2.18 7.80 -1.97
N TRP A 2 1.71 4.80 -1.00
CA TRP A 2 1.65 3.44 -1.52
C TRP A 2 0.28 3.15 -2.12
N LYS A 3 0.04 1.88 -2.45
CA LYS A 3 -1.23 1.47 -3.03
C LYS A 3 -2.16 0.90 -1.95
N THR A 4 -3.46 1.08 -2.16
CA THR A 4 -4.45 0.59 -1.22
C THR A 4 -5.53 -0.23 -1.92
N ILE A 5 -5.70 -1.47 -1.50
CA ILE A 5 -6.71 -2.35 -2.09
C ILE A 5 -7.31 -3.28 -1.05
OH ALY A 6 -4.84 -6.83 -0.97
CH ALY A 6 -5.01 -7.93 -1.60
CH3 ALY A 6 -3.94 -8.97 -1.79
NZ ALY A 6 -6.23 -8.21 -2.17
CE ALY A 6 -7.18 -7.11 -2.51
CD ALY A 6 -8.59 -7.40 -2.01
CG ALY A 6 -9.33 -6.12 -1.69
CB ALY A 6 -9.02 -5.63 -0.28
CA ALY A 6 -9.34 -4.16 -0.03
N ALY A 6 -8.63 -3.30 -0.99
C ALY A 6 -8.99 -3.79 1.41
O ALY A 6 -8.91 -4.65 2.28
HH31 ALY A 6 -2.96 -8.52 -1.64
HH32 ALY A 6 -4.08 -9.77 -1.05
HH33 ALY A 6 -4.00 -9.40 -2.79
HZ ALY A 6 -6.66 -8.83 -1.50
HE3 ALY A 6 -6.82 -6.18 -2.07
HE2 ALY A 6 -7.19 -6.99 -3.59
HD3 ALY A 6 -9.13 -7.95 -2.78
HD2 ALY A 6 -8.52 -8.02 -1.12
HG3 ALY A 6 -9.05 -5.35 -2.41
HG2 ALY A 6 -10.40 -6.29 -1.78
HB3 ALY A 6 -9.58 -6.25 0.42
HB2 ALY A 6 -7.95 -5.81 -0.10
HA ALY A 6 -10.41 -4.01 -0.16
H ALY A 6 -9.17 -2.73 -1.61
N GLY A 7 -8.79 -2.49 1.64
CA GLY A 7 -8.45 -2.02 2.97
C GLY A 7 -7.27 -2.76 3.56
OH ALY A 8 -8.05 -8.79 6.28
CH ALY A 8 -8.32 -9.14 5.08
CH3 ALY A 8 -9.17 -10.34 4.73
NZ ALY A 8 -7.84 -8.40 4.02
CE ALY A 8 -6.43 -7.95 4.01
CD ALY A 8 -6.30 -6.46 4.27
CG ALY A 8 -4.90 -5.94 3.94
CB ALY A 8 -4.94 -4.91 2.83
CA ALY A 8 -4.96 -3.46 3.31
N ALY A 8 -6.16 -2.78 2.85
C ALY A 8 -3.69 -2.74 2.85
O ALY A 8 -3.68 -2.10 1.79
HH31 ALY A 8 -9.80 -10.61 5.57
HH32 ALY A 8 -9.79 -10.10 3.87
HH33 ALY A 8 -8.52 -11.18 4.49
HZ ALY A 8 -8.46 -7.60 4.00
HE3 ALY A 8 -5.87 -8.50 4.76
HE2 ALY A 8 -6.00 -8.19 3.03
HD3 ALY A 8 -7.04 -5.93 3.66
HD2 ALY A 8 -6.52 -6.26 5.32
HG3 ALY A 8 -4.47 -5.50 4.83
HG2 ALY A 8 -4.28 -6.79 3.63
HB3 ALY A 8 -4.08 -5.07 2.19
HB2 ALY A 8 -5.83 -5.10 2.22
HA ALY A 8 -4.96 -3.46 4.40
H ALY A 8 -6.14 -2.30 1.97
N THR A 9 -2.63 -2.86 3.64
CA THR A 9 -1.37 -2.21 3.31
C THR A 9 -0.30 -3.24 2.93
N TRP A 10 0.91 -2.78 2.68
CA TRP A 10 2.00 -3.66 2.30
C TRP A 10 3.30 -2.87 2.10
N ARG A 11 3.16 -1.64 1.59
CA ARG A 11 4.31 -0.79 1.35
C ARG A 11 5.23 -1.40 0.29
N THR A 12 5.21 -0.79 -0.90
CA THR A 12 6.04 -1.27 -2.00
C THR A 12 7.15 -0.29 -2.32
OH ALY A 13 11.63 -0.05 -8.42
CH ALY A 13 10.43 0.38 -8.44
CH3 ALY A 13 9.37 -0.09 -9.41
NZ ALY A 13 10.03 1.32 -7.51
CE ALY A 13 9.26 0.92 -6.30
CD ALY A 13 8.09 1.87 -6.03
CG ALY A 13 8.44 2.85 -4.92
CB ALY A 13 7.39 2.83 -3.83
CA ALY A 13 7.80 2.05 -2.57
N ALY A 13 6.83 1.00 -2.29
C ALY A 13 7.96 3.00 -1.39
O ALY A 13 7.45 2.73 -0.30
HH31 ALY A 13 9.15 0.71 -10.12
HH32 ALY A 13 9.74 -0.95 -9.96
HH33 ALY A 13 8.47 -0.35 -8.87
HZ ALY A 13 9.49 1.98 -8.06
HE3 ALY A 13 8.88 -0.09 -6.46
HE2 ALY A 13 9.93 0.91 -5.45
HD3 ALY A 13 7.87 2.41 -6.95
HD2 ALY A 13 7.23 1.28 -5.75
HG3 ALY A 13 9.42 2.59 -4.50
HG2 ALY A 13 8.51 3.85 -5.35
HB3 ALY A 13 7.17 3.86 -3.55
HB2 ALY A 13 6.48 2.40 -4.24
HA ALY A 13 8.77 1.58 -2.76
H ALY A 13 5.89 1.26 -2.04
N GLN A 14 8.67 4.10 -1.62
CA GLN A 14 8.89 5.09 -0.57
C GLN A 14 8.01 6.32 -0.78
N CYS A 15 6.77 6.25 -0.28
CA CYS A 15 5.84 7.35 -0.42
C CYS A 15 6.45 8.65 0.08
N NH2 A 16 6.87 9.53 -0.78
HN1 NH2 A 16 7.22 9.20 -1.69
C ACE A 1 2.13 5.81 -1.65
O ACE A 1 2.49 5.70 -2.83
CH3 ACE A 1 2.15 7.16 -0.96
H1 ACE A 1 1.33 7.12 -0.24
H2 ACE A 1 2.17 7.80 -1.84
N TRP A 2 1.73 4.78 -0.92
CA TRP A 2 1.66 3.43 -1.47
C TRP A 2 0.29 3.16 -2.07
N LYS A 3 0.05 1.90 -2.41
CA LYS A 3 -1.22 1.49 -3.00
C LYS A 3 -2.16 0.92 -1.94
N THR A 4 -3.46 1.10 -2.15
CA THR A 4 -4.45 0.60 -1.21
C THR A 4 -5.54 -0.20 -1.92
N ILE A 5 -5.72 -1.45 -1.50
CA ILE A 5 -6.73 -2.31 -2.09
C ILE A 5 -7.33 -3.25 -1.06
OH ALY A 6 -6.01 -6.99 0.62
CH ALY A 6 -5.46 -7.53 -0.38
CH3 ALY A 6 -3.97 -7.81 -0.50
NZ ALY A 6 -6.22 -7.93 -1.45
CE ALY A 6 -7.06 -6.94 -2.19
CD ALY A 6 -8.55 -7.25 -2.07
CG ALY A 6 -9.35 -6.01 -1.71
CB ALY A 6 -9.07 -5.56 -0.28
CA ALY A 6 -9.37 -4.08 -0.01
N ALY A 6 -8.65 -3.24 -0.96
C ALY A 6 -9.00 -3.74 1.42
O ALY A 6 -8.91 -4.61 2.29
HH31 ALY A 6 -3.44 -7.22 0.24
HH32 ALY A 6 -3.79 -8.87 -0.32
HH33 ALY A 6 -3.63 -7.53 -1.49
HZ ALY A 6 -6.81 -8.65 -1.07
HE3 ALY A 6 -6.86 -5.94 -1.78
HE2 ALY A 6 -6.77 -6.94 -3.24
HD3 ALY A 6 -8.90 -7.65 -3.02
HD2 ALY A 6 -8.69 -8.01 -1.31
HG3 ALY A 6 -9.09 -5.20 -2.41
HG2 ALY A 6 -10.41 -6.23 -1.83
HB3 ALY A 6 -9.66 -6.18 0.39
HB2 ALY A 6 -8.02 -5.77 -0.07
HA ALY A 6 -10.44 -3.92 -0.13
H ALY A 6 -9.19 -2.63 -1.56
N GLY A 7 -8.78 -2.45 1.67
CA GLY A 7 -8.42 -2.00 3.00
C GLY A 7 -7.24 -2.77 3.58
OH ALY A 8 -5.28 -10.08 5.42
CH ALY A 8 -6.21 -9.98 4.56
CH3 ALY A 8 -6.55 -11.04 3.54
NZ ALY A 8 -6.99 -8.84 4.54
CE ALY A 8 -6.72 -7.77 3.55
CD ALY A 8 -6.37 -6.45 4.22
CG ALY A 8 -4.95 -6.02 3.86
CB ALY A 8 -4.96 -4.96 2.77
CA ALY A 8 -4.95 -3.52 3.27
N ALY A 8 -6.14 -2.81 2.84
C ALY A 8 -3.68 -2.81 2.80
O ALY A 8 -3.65 -2.22 1.72
HH31 ALY A 8 -7.63 -11.10 3.42
HH32 ALY A 8 -6.08 -10.79 2.59
HH33 ALY A 8 -6.17 -12.00 3.88
HZ ALY A 8 -6.89 -8.47 5.47
HE3 ALY A 8 -5.90 -8.08 2.90
HE2 ALY A 8 -7.62 -7.64 2.93
HD3 ALY A 8 -7.08 -5.69 3.90
HD2 ALY A 8 -6.45 -6.57 5.29
HG3 ALY A 8 -4.47 -5.61 4.75
HG2 ALY A 8 -4.39 -6.89 3.52
HB3 ALY A 8 -4.09 -5.14 2.13
HB2 ALY A 8 -5.84 -5.12 2.15
HA ALY A 8 -4.93 -3.54 4.36
H ALY A 8 -6.14 -2.34 1.94
N THR A 9 -2.63 -2.88 3.61
CA THR A 9 -1.37 -2.23 3.28
C THR A 9 -0.32 -3.27 2.90
N TRP A 10 0.90 -2.80 2.65
CA TRP A 10 1.99 -3.69 2.27
C TRP A 10 3.29 -2.91 2.07
N ARG A 11 3.16 -1.67 1.58
CA ARG A 11 4.32 -0.83 1.34
C ARG A 11 5.22 -1.43 0.27
N THR A 12 5.23 -0.81 -0.91
CA THR A 12 6.04 -1.29 -2.02
C THR A 12 7.17 -0.31 -2.32
OH ALY A 13 7.46 1.65 -8.69
CH ALY A 13 8.43 2.48 -8.83
CH3 ALY A 13 8.66 3.33 -10.06
NZ ALY A 13 9.34 2.63 -7.81
CE ALY A 13 9.35 3.89 -6.98
CD ALY A 13 8.28 3.87 -5.91
CG ALY A 13 8.61 2.87 -4.81
CB ALY A 13 7.50 2.79 -3.77
CA ALY A 13 7.87 2.01 -2.51
N ALY A 13 6.88 0.98 -2.25
C ALY A 13 8.01 2.95 -1.33
O ALY A 13 7.47 2.71 -0.25
HH31 ALY A 13 7.75 3.33 -10.67
HH32 ALY A 13 8.90 4.35 -9.75
HH33 ALY A 13 9.49 2.91 -10.63
HZ ALY A 13 10.23 2.52 -8.25
HE3 ALY A 13 10.33 3.99 -6.53
HE2 ALY A 13 9.19 4.74 -7.64
HD3 ALY A 13 8.20 4.87 -5.48
HD2 ALY A 13 7.33 3.61 -6.36
HG3 ALY A 13 8.76 1.88 -5.26
HG2 ALY A 13 9.55 3.16 -4.33
HB3 ALY A 13 7.23 3.82 -3.50
HB2 ALY A 13 6.63 2.34 -4.25
HA ALY A 13 8.84 1.53 -2.67
H ALY A 13 5.93 1.25 -2.00
N GLN A 14 8.73 4.05 -1.53
CA GLN A 14 8.94 5.03 -0.48
C GLN A 14 8.05 6.27 -0.70
N CYS A 15 6.83 6.21 -0.21
CA CYS A 15 5.89 7.31 -0.35
C CYS A 15 6.51 8.62 0.13
N NH2 A 16 7.79 8.69 0.30
HN1 NH2 A 16 8.38 8.87 -0.51
C ACE A 1 2.10 5.83 -1.73
O ACE A 1 2.47 5.71 -2.90
CH3 ACE A 1 2.10 7.18 -1.06
H1 ACE A 1 1.28 7.15 -0.34
H2 ACE A 1 2.09 7.83 -1.95
N TRP A 2 1.68 4.81 -0.99
CA TRP A 2 1.63 3.45 -1.52
C TRP A 2 0.26 3.15 -2.12
N LYS A 3 0.03 1.87 -2.44
CA LYS A 3 -1.24 1.46 -3.03
C LYS A 3 -2.16 0.89 -1.96
N THR A 4 -3.47 1.05 -2.16
CA THR A 4 -4.46 0.56 -1.21
C THR A 4 -5.54 -0.25 -1.92
N ILE A 5 -5.72 -1.49 -1.49
CA ILE A 5 -6.72 -2.36 -2.08
C ILE A 5 -7.34 -3.29 -1.03
OH ALY A 6 -4.34 -6.69 -1.38
CH ALY A 6 -4.81 -7.85 -1.61
CH3 ALY A 6 -3.99 -9.07 -1.89
NZ ALY A 6 -6.18 -8.03 -1.59
CE ALY A 6 -7.08 -7.09 -2.31
CD ALY A 6 -8.54 -7.40 -2.06
CG ALY A 6 -9.34 -6.14 -1.72
CB ALY A 6 -9.05 -5.68 -0.30
CA ALY A 6 -9.37 -4.19 -0.05
N ALY A 6 -8.66 -3.35 -1.00
C ALY A 6 -9.02 -3.82 1.39
O ALY A 6 -8.94 -4.68 2.26
HH31 ALY A 6 -4.29 -9.50 -2.85
HH32 ALY A 6 -2.93 -8.79 -1.94
HH33 ALY A 6 -4.13 -9.81 -1.11
HZ ALY A 6 -6.41 -8.03 -0.61
HE3 ALY A 6 -6.87 -6.07 -1.98
HE2 ALY A 6 -6.87 -7.14 -3.38
HD3 ALY A 6 -8.97 -7.87 -2.95
HD2 ALY A 6 -8.62 -8.10 -1.23
HG3 ALY A 6 -9.07 -5.36 -2.43
HG2 ALY A 6 -10.40 -6.35 -1.82
HB3 ALY A 6 -9.63 -6.29 0.38
HB2 ALY A 6 -8.00 -5.86 -0.09
HA ALY A 6 -10.44 -4.05 -0.18
H ALY A 6 -9.19 -2.79 -1.66
N GLY A 7 -8.82 -2.53 1.62
CA GLY A 7 -8.48 -2.07 2.95
C GLY A 7 -7.30 -2.82 3.55
OH ALY A 8 -7.13 -10.23 4.19
CH ALY A 8 -8.07 -9.37 4.21
CH3 ALY A 8 -9.33 -9.51 5.03
NZ ALY A 8 -7.96 -8.23 3.46
CE ALY A 8 -6.62 -7.62 3.20
CD ALY A 8 -6.27 -6.53 4.21
CG ALY A 8 -4.90 -5.95 3.94
CB ALY A 8 -4.94 -4.91 2.83
CA ALY A 8 -4.96 -3.46 3.32
N ALY A 8 -6.17 -2.78 2.85
C ALY A 8 -3.71 -2.74 2.86
O ALY A 8 -3.70 -2.08 1.82
HH31 ALY A 8 -9.14 -9.17 6.05
HH32 ALY A 8 -10.12 -8.91 4.57
HH33 ALY A 8 -9.63 -10.56 5.05
HZ ALY A 8 -8.53 -7.56 3.96
HE3 ALY A 8 -5.87 -8.41 3.23
HE2 ALY A 8 -6.61 -7.20 2.20
HD3 ALY A 8 -7.02 -5.75 4.15
HD2 ALY A 8 -6.30 -6.96 5.21
HG3 ALY A 8 -4.52 -5.49 4.85
HG2 ALY A 8 -4.21 -6.76 3.65
HB3 ALY A 8 -4.07 -5.06 2.18
HB2 ALY A 8 -5.83 -5.10 2.22
HA ALY A 8 -4.96 -3.46 4.41
H ALY A 8 -6.14 -2.27 1.99
N THR A 9 -2.63 -2.86 3.64
CA THR A 9 -1.38 -2.21 3.31
C THR A 9 -0.31 -3.23 2.93
N TRP A 10 0.90 -2.76 2.68
CA TRP A 10 2.00 -3.64 2.30
C TRP A 10 3.29 -2.84 2.10
N ARG A 11 3.14 -1.62 1.58
CA ARG A 11 4.29 -0.76 1.34
C ARG A 11 5.21 -1.36 0.27
N THR A 12 5.20 -0.77 -0.92
CA THR A 12 6.02 -1.25 -2.01
C THR A 12 7.14 -0.27 -2.33
OH ALY A 13 9.28 3.17 -9.84
CH ALY A 13 10.06 3.15 -8.82
CH3 ALY A 13 11.36 2.38 -8.77
NZ ALY A 13 9.73 3.85 -7.69
CE ALY A 13 8.35 3.81 -7.15
CD ALY A 13 8.29 4.25 -5.69
CG ALY A 13 8.60 3.11 -4.75
CB ALY A 13 7.44 2.83 -3.80
CA ALY A 13 7.82 2.06 -2.54
N ALY A 13 6.83 1.02 -2.26
C ALY A 13 7.95 3.01 -1.36
O ALY A 13 7.43 2.76 -0.28
HH31 ALY A 13 11.87 2.60 -7.83
HH32 ALY A 13 11.16 1.31 -8.84
HH33 ALY A 13 11.99 2.68 -9.61
HZ ALY A 13 9.96 4.81 -7.92
HE3 ALY A 13 7.71 4.45 -7.75
HE2 ALY A 13 7.97 2.79 -7.23
HD3 ALY A 13 9.01 5.06 -5.54
HD2 ALY A 13 7.29 4.64 -5.48
HG3 ALY A 13 8.80 2.21 -5.34
HG2 ALY A 13 9.49 3.36 -4.16
HB3 ALY A 13 7.00 3.79 -3.52
HB2 ALY A 13 6.68 2.28 -4.35
HA ALY A 13 8.79 1.59 -2.71
H ALY A 13 5.89 1.29 -2.02
N GLN A 14 8.67 4.12 -1.57
CA GLN A 14 8.88 5.11 -0.53
C GLN A 14 8.02 6.34 -0.76
N CYS A 15 6.79 6.30 -0.25
CA CYS A 15 5.86 7.40 -0.41
C CYS A 15 6.50 8.71 0.03
N NH2 A 16 6.41 9.76 -0.71
HN1 NH2 A 16 6.81 9.74 -1.65
C ACE A 1 2.12 5.84 -1.64
O ACE A 1 2.44 5.73 -2.83
CH3 ACE A 1 2.16 7.19 -0.95
H1 ACE A 1 1.30 7.17 -0.28
H2 ACE A 1 2.24 7.82 -1.84
N TRP A 2 1.74 4.81 -0.90
CA TRP A 2 1.67 3.46 -1.44
C TRP A 2 0.30 3.19 -2.04
N LYS A 3 0.04 1.93 -2.39
CA LYS A 3 -1.24 1.54 -2.98
C LYS A 3 -2.17 0.95 -1.91
N THR A 4 -3.46 1.12 -2.11
CA THR A 4 -4.46 0.61 -1.17
C THR A 4 -5.53 -0.20 -1.90
N ILE A 5 -5.72 -1.44 -1.48
CA ILE A 5 -6.73 -2.31 -2.08
C ILE A 5 -7.33 -3.25 -1.05
OH ALY A 6 -4.25 -7.08 -2.11
CH ALY A 6 -4.90 -7.58 -1.13
CH3 ALY A 6 -4.26 -8.02 0.16
NZ ALY A 6 -6.27 -7.74 -1.22
CE ALY A 6 -7.05 -7.00 -2.23
CD ALY A 6 -8.54 -7.30 -2.14
CG ALY A 6 -9.33 -6.06 -1.78
CB ALY A 6 -9.07 -5.62 -0.35
CA ALY A 6 -9.37 -4.15 -0.07
N ALY A 6 -8.66 -3.29 -1.01
C ALY A 6 -9.01 -3.80 1.37
O ALY A 6 -8.94 -4.68 2.23
HH31 ALY A 6 -4.91 -8.74 0.67
HH32 ALY A 6 -3.29 -8.49 -0.05
HH33 ALY A 6 -4.10 -7.16 0.81
HZ ALY A 6 -6.59 -7.49 -0.29
HE3 ALY A 6 -6.89 -5.93 -2.10
HE2 ALY A 6 -6.68 -7.27 -3.22
HD3 ALY A 6 -8.87 -7.69 -3.10
HD2 ALY A 6 -8.69 -8.06 -1.39
HG3 ALY A 6 -9.06 -5.25 -2.47
HG2 ALY A 6 -10.40 -6.27 -1.91
HB3 ALY A 6 -9.67 -6.25 0.31
HB2 ALY A 6 -8.02 -5.83 -0.14
HA ALY A 6 -10.45 -3.98 -0.19
H ALY A 6 -9.20 -2.71 -1.65
N GLY A 7 -8.80 -2.52 1.63
CA GLY A 7 -8.46 -2.09 2.97
C GLY A 7 -7.28 -2.85 3.55
OH ALY A 8 -4.99 -10.38 3.34
CH ALY A 8 -5.29 -9.97 4.51
CH3 ALY A 8 -4.65 -10.49 5.78
NZ ALY A 8 -6.26 -9.02 4.67
CE ALY A 8 -6.47 -7.97 3.63
CD ALY A 8 -6.29 -6.57 4.20
CG ALY A 8 -4.90 -6.02 3.87
CB ALY A 8 -4.96 -4.97 2.79
CA ALY A 8 -4.96 -3.52 3.29
N ALY A 8 -6.16 -2.82 2.84
C ALY A 8 -3.70 -2.81 2.82
O ALY A 8 -3.68 -2.19 1.76
HH31 ALY A 8 -3.81 -9.84 6.05
HH32 ALY A 8 -5.38 -10.48 6.59
HH33 ALY A 8 -4.29 -11.50 5.62
HZ ALY A 8 -6.03 -8.58 5.55
HE3 ALY A 8 -5.76 -8.13 2.82
HE2 ALY A 8 -7.47 -8.07 3.22
HD3 ALY A 8 -7.04 -5.91 3.78
HD2 ALY A 8 -6.41 -6.60 5.28
HG3 ALY A 8 -4.47 -5.58 4.78
HG2 ALY A 8 -4.25 -6.84 3.56
HB3 ALY A 8 -4.11 -5.13 2.12
HB2 ALY A 8 -5.86 -5.15 2.20
HA ALY A 8 -4.95 -3.54 4.38
H ALY A 8 -6.13 -2.30 1.97
N THR A 9 -2.64 -2.89 3.63
CA THR A 9 -1.37 -2.26 3.30
C THR A 9 -0.33 -3.29 2.90
N TRP A 10 0.89 -2.81 2.67
CA TRP A 10 1.99 -3.70 2.28
C TRP A 10 3.29 -2.92 2.08
N ARG A 11 3.15 -1.68 1.60
CA ARG A 11 4.32 -0.83 1.37
C ARG A 11 5.22 -1.42 0.30
N THR A 12 5.22 -0.80 -0.88
CA THR A 12 6.03 -1.28 -2.00
C THR A 12 7.15 -0.29 -2.30
OH ALY A 13 11.68 6.94 -6.38
CH ALY A 13 11.39 6.64 -5.17
CH3 ALY A 13 11.57 7.57 -3.99
NZ ALY A 13 10.86 5.40 -4.88
CE ALY A 13 9.98 4.71 -5.87
CD ALY A 13 8.59 4.44 -5.29
CG ALY A 13 8.47 3.00 -4.81
CB ALY A 13 7.39 2.86 -3.75
CA ALY A 13 7.80 2.06 -2.53
N ALY A 13 6.83 1.01 -2.24
C ALY A 13 7.97 2.97 -1.33
O ALY A 13 7.47 2.69 -0.24
HH31 ALY A 13 10.67 7.55 -3.37
HH32 ALY A 13 12.43 7.24 -3.40
HH33 ALY A 13 11.75 8.57 -4.34
HZ ALY A 13 10.35 5.55 -4.02
HE3 ALY A 13 9.89 5.34 -6.75
HE2 ALY A 13 10.44 3.77 -6.16
HD3 ALY A 13 8.41 5.12 -4.46
HD2 ALY A 13 7.85 4.62 -6.07
HG3 ALY A 13 8.24 2.35 -5.66
HG2 ALY A 13 9.43 2.68 -4.39
HB3 ALY A 13 7.09 3.86 -3.45
HB2 ALY A 13 6.52 2.39 -4.22
HA ALY A 13 8.76 1.58 -2.72
H ALY A 13 5.88 1.26 -2.00
N GLN A 14 8.68 4.07 -1.53
CA GLN A 14 8.92 5.05 -0.47
C GLN A 14 8.05 6.28 -0.65
N CYS A 15 6.81 6.21 -0.16
CA CYS A 15 5.88 7.32 -0.28
C CYS A 15 6.50 8.61 0.26
N NH2 A 16 6.94 8.65 1.46
HN1 NH2 A 16 6.28 8.66 2.24
C ACE A 1 2.13 5.83 -1.65
O ACE A 1 2.44 5.73 -2.84
CH3 ACE A 1 2.15 7.18 -0.96
H1 ACE A 1 1.30 7.17 -0.29
H2 ACE A 1 2.25 7.81 -1.84
N TRP A 2 1.74 4.81 -0.90
CA TRP A 2 1.66 3.45 -1.45
C TRP A 2 0.29 3.18 -2.06
N LYS A 3 0.03 1.93 -2.40
CA LYS A 3 -1.24 1.54 -2.99
C LYS A 3 -2.17 0.94 -1.92
N THR A 4 -3.47 1.11 -2.12
CA THR A 4 -4.46 0.60 -1.19
C THR A 4 -5.53 -0.19 -1.91
N ILE A 5 -5.72 -1.45 -1.49
CA ILE A 5 -6.72 -2.31 -2.10
C ILE A 5 -7.33 -3.25 -1.07
OH ALY A 6 -4.43 -7.36 -0.07
CH ALY A 6 -4.94 -7.52 -1.22
CH3 ALY A 6 -4.17 -7.44 -2.52
NZ ALY A 6 -6.29 -7.78 -1.34
CE ALY A 6 -7.13 -7.01 -2.30
CD ALY A 6 -8.61 -7.28 -2.09
CG ALY A 6 -9.37 -6.01 -1.75
CB ALY A 6 -9.07 -5.58 -0.32
CA ALY A 6 -9.37 -4.09 -0.03
N ALY A 6 -8.66 -3.24 -0.98
C ALY A 6 -9.00 -3.75 1.40
O ALY A 6 -8.92 -4.63 2.26
HH31 ALY A 6 -4.76 -7.89 -3.32
HH32 ALY A 6 -3.97 -6.40 -2.76
HH33 ALY A 6 -3.23 -7.99 -2.41
HZ ALY A 6 -6.64 -7.64 -0.40
HE3 ALY A 6 -6.94 -5.94 -2.17
HE2 ALY A 6 -6.84 -7.29 -3.31
HD3 ALY A 6 -9.03 -7.70 -3.02
HD2 ALY A 6 -8.74 -8.01 -1.30
HG3 ALY A 6 -9.08 -5.22 -2.43
HG2 ALY A 6 -10.44 -6.18 -1.86
HB3 ALY A 6 -9.67 -6.19 0.35
HB2 ALY A 6 -8.02 -5.78 -0.12
HA ALY A 6 -10.44 -3.93 -0.15
H ALY A 6 -9.20 -2.63 -1.58
N GLY A 7 -8.77 -2.47 1.66
CA GLY A 7 -8.41 -2.04 3.00
C GLY A 7 -7.24 -2.81 3.57
OH ALY A 8 -9.33 -9.66 3.52
CH ALY A 8 -8.54 -9.27 2.60
CH3 ALY A 8 -8.12 -10.13 1.42
NZ ALY A 8 -8.02 -8.00 2.64
CE ALY A 8 -6.58 -7.79 2.91
CD ALY A 8 -6.36 -6.71 3.96
CG ALY A 8 -4.98 -6.07 3.82
CB ALY A 8 -4.97 -5.01 2.73
CA ALY A 8 -4.95 -3.56 3.25
N ALY A 8 -6.14 -2.85 2.82
C ALY A 8 -3.69 -2.85 2.78
O ALY A 8 -3.65 -2.28 1.70
HH31 ALY A 8 -7.13 -10.54 1.61
HH32 ALY A 8 -8.84 -10.95 1.29
HH33 ALY A 8 -8.10 -9.53 0.52
HZ ALY A 8 -8.58 -7.54 3.34
HE3 ALY A 8 -6.14 -8.72 3.26
HE2 ALY A 8 -6.08 -7.50 1.98
HD3 ALY A 8 -7.12 -5.94 3.85
HD2 ALY A 8 -6.45 -7.14 4.95
HG3 ALY A 8 -4.70 -5.61 4.77
HG2 ALY A 8 -4.25 -6.85 3.58
HB3 ALY A 8 -4.09 -5.18 2.10
HB2 ALY A 8 -5.85 -5.16 2.11
HA ALY A 8 -4.94 -3.59 4.34
H ALY A 8 -6.14 -2.37 1.93
N THR A 9 -2.65 -2.90 3.62
CA THR A 9 -1.39 -2.25 3.30
C THR A 9 -0.33 -3.29 2.90
N TRP A 10 0.89 -2.82 2.66
CA TRP A 10 1.99 -3.70 2.27
C TRP A 10 3.27 -2.92 2.09
N ARG A 11 3.15 -1.69 1.60
CA ARG A 11 4.31 -0.84 1.37
C ARG A 11 5.22 -1.42 0.30
N THR A 12 5.21 -0.81 -0.89
CA THR A 12 6.03 -1.29 -1.99
C THR A 12 7.15 -0.30 -2.30
OH ALY A 13 10.32 7.62 -7.36
CH ALY A 13 9.30 6.87 -7.24
CH3 ALY A 13 8.04 7.00 -8.06
NZ ALY A 13 9.31 5.86 -6.31
CE ALY A 13 9.14 4.44 -6.73
CD ALY A 13 7.98 3.77 -6.02
CG ALY A 13 8.45 2.93 -4.84
CB ALY A 13 7.39 2.85 -3.75
CA ALY A 13 7.80 2.05 -2.52
N ALY A 13 6.82 0.99 -2.24
C ALY A 13 7.98 2.96 -1.31
O ALY A 13 7.47 2.69 -0.23
HH31 ALY A 13 7.34 7.66 -7.55
HH32 ALY A 13 8.29 7.43 -9.03
HH33 ALY A 13 7.59 6.02 -8.19
HZ ALY A 13 8.57 6.10 -5.66
HE3 ALY A 13 8.99 4.41 -7.80
HE2 ALY A 13 10.06 3.90 -6.51
HD3 ALY A 13 7.29 4.54 -5.67
HD2 ALY A 13 7.45 3.13 -6.73
HG3 ALY A 13 8.70 1.93 -5.19
HG2 ALY A 13 9.36 3.39 -4.42
HB3 ALY A 13 7.14 3.87 -3.45
HB2 ALY A 13 6.49 2.41 -4.19
HA ALY A 13 8.77 1.57 -2.72
H ALY A 13 5.88 1.26 -2.00
N GLN A 14 8.68 4.07 -1.52
CA GLN A 14 8.92 5.04 -0.46
C GLN A 14 8.05 6.28 -0.65
N CYS A 15 6.80 6.20 -0.17
CA CYS A 15 5.88 7.31 -0.28
C CYS A 15 6.50 8.60 0.25
N NH2 A 16 7.19 8.57 1.34
HN1 NH2 A 16 6.70 8.60 2.24
C ACE A 1 2.11 5.83 -1.59
O ACE A 1 2.45 5.73 -2.78
CH3 ACE A 1 2.12 7.17 -0.90
H1 ACE A 1 1.29 7.12 -0.19
H2 ACE A 1 2.14 7.82 -1.77
N TRP A 2 1.71 4.79 -0.87
CA TRP A 2 1.65 3.44 -1.43
C TRP A 2 0.27 3.16 -2.04
N LYS A 3 0.03 1.91 -2.39
CA LYS A 3 -1.23 1.51 -2.98
C LYS A 3 -2.17 0.92 -1.92
N THR A 4 -3.47 1.10 -2.13
CA THR A 4 -4.47 0.59 -1.19
C THR A 4 -5.54 -0.21 -1.92
N ILE A 5 -5.72 -1.46 -1.50
CA ILE A 5 -6.72 -2.33 -2.11
C ILE A 5 -7.32 -3.28 -1.08
OH ALY A 6 -4.27 -7.04 -0.21
CH ALY A 6 -4.82 -7.59 -1.21
CH3 ALY A 6 -4.06 -8.12 -2.42
NZ ALY A 6 -6.18 -7.75 -1.24
CE ALY A 6 -7.00 -7.01 -2.24
CD ALY A 6 -8.49 -7.29 -2.09
CG ALY A 6 -9.27 -6.03 -1.75
CB ALY A 6 -9.05 -5.60 -0.32
CA ALY A 6 -9.36 -4.13 -0.04
N ALY A 6 -8.65 -3.27 -0.98
C ALY A 6 -9.00 -3.77 1.40
O ALY A 6 -8.91 -4.64 2.26
HH31 ALY A 6 -3.98 -9.20 -2.35
HH32 ALY A 6 -4.60 -7.84 -3.32
HH33 ALY A 6 -3.07 -7.67 -2.44
HZ ALY A 6 -6.47 -7.49 -0.31
HE3 ALY A 6 -6.83 -5.94 -2.12
HE2 ALY A 6 -6.68 -7.29 -3.25
HD3 ALY A 6 -8.87 -7.73 -3.01
HD2 ALY A 6 -8.63 -8.03 -1.28
HG3 ALY A 6 -8.96 -5.24 -2.43
HG2 ALY A 6 -10.33 -6.22 -1.92
HB3 ALY A 6 -9.65 -6.23 0.33
HB2 ALY A 6 -8.00 -5.79 -0.07
HA ALY A 6 -10.43 -3.97 -0.16
H ALY A 6 -9.19 -2.65 -1.59
N GLY A 7 -8.79 -2.49 1.65
CA GLY A 7 -8.45 -2.04 2.99
C GLY A 7 -7.27 -2.79 3.57
OH ALY A 8 -7.78 -10.33 3.15
CH ALY A 8 -8.19 -9.76 4.22
CH3 ALY A 8 -9.31 -10.27 5.09
NZ ALY A 8 -7.60 -8.59 4.62
CE ALY A 8 -6.63 -7.88 3.74
CD ALY A 8 -6.37 -6.45 4.22
CG ALY A 8 -4.95 -6.01 3.86
CB ALY A 8 -4.96 -4.95 2.76
CA ALY A 8 -4.97 -3.52 3.28
N ALY A 8 -6.16 -2.81 2.83
C ALY A 8 -3.70 -2.79 2.82
O ALY A 8 -3.70 -2.14 1.77
HH31 ALY A 8 -9.86 -11.05 4.55
HH32 ALY A 8 -8.89 -10.69 6.00
HH33 ALY A 8 -9.98 -9.45 5.33
HZ ALY A 8 -7.14 -8.83 5.49
HE3 ALY A 8 -5.70 -8.43 3.73
HE2 ALY A 8 -7.03 -7.86 2.73
HD3 ALY A 8 -7.08 -5.79 3.74
HD2 ALY A 8 -6.50 -6.41 5.29
HG3 ALY A 8 -4.48 -5.60 4.76
HG2 ALY A 8 -4.38 -6.88 3.52
HB3 ALY A 8 -4.09 -5.12 2.14
HB2 ALY A 8 -5.84 -5.12 2.15
HA ALY A 8 -4.95 -3.53 4.37
H ALY A 8 -6.15 -2.34 1.95
N THR A 9 -2.64 -2.91 3.60
CA THR A 9 -1.38 -2.27 3.28
C THR A 9 -0.32 -3.30 2.88
N TRP A 10 0.90 -2.83 2.64
CA TRP A 10 1.99 -3.70 2.25
C TRP A 10 3.28 -2.91 2.06
N ARG A 11 3.16 -1.69 1.58
CA ARG A 11 4.31 -0.83 1.35
C ARG A 11 5.22 -1.42 0.28
N THR A 12 5.22 -0.81 -0.91
CA THR A 12 6.04 -1.27 -2.02
C THR A 12 7.17 -0.28 -2.30
OH ALY A 13 6.12 3.40 -9.92
CH ALY A 13 6.20 4.19 -8.91
CH3 ALY A 13 6.33 5.69 -9.02
NZ ALY A 13 6.19 3.66 -7.64
CE ALY A 13 7.30 3.94 -6.70
CD ALY A 13 7.95 2.65 -6.20
CG ALY A 13 8.57 2.84 -4.81
CB ALY A 13 7.49 2.84 -3.73
CA ALY A 13 7.86 2.04 -2.48
N ALY A 13 6.86 1.00 -2.22
C ALY A 13 7.99 2.98 -1.29
O ALY A 13 7.45 2.72 -0.21
HH31 ALY A 13 5.36 6.15 -8.82
HH32 ALY A 13 7.05 6.04 -8.28
HH33 ALY A 13 6.67 5.96 -10.01
HZ ALY A 13 6.12 2.67 -7.79
HE3 ALY A 13 8.05 4.56 -7.20
HE2 ALY A 13 6.92 4.50 -5.84
HD3 ALY A 13 7.20 1.87 -6.16
HD2 ALY A 13 8.74 2.36 -6.90
HG3 ALY A 13 9.27 2.03 -4.62
HG2 ALY A 13 9.10 3.78 -4.79
HB3 ALY A 13 7.28 3.88 -3.46
HB2 ALY A 13 6.58 2.43 -4.17
HA ALY A 13 8.83 1.57 -2.64
H ALY A 13 5.92 1.28 -1.98
N GLN A 14 8.71 4.08 -1.49
CA GLN A 14 8.92 5.06 -0.42
C GLN A 14 8.03 6.29 -0.63
N CYS A 15 6.81 6.21 -0.13
CA CYS A 15 5.86 7.31 -0.28
C CYS A 15 6.48 8.62 0.21
N NH2 A 16 6.93 8.71 1.41
HN1 NH2 A 16 6.26 8.71 2.20
C ACE A 1 2.08 5.83 -1.76
O ACE A 1 2.41 5.71 -2.94
CH3 ACE A 1 2.11 7.19 -1.09
H1 ACE A 1 1.26 7.18 -0.41
H2 ACE A 1 2.17 7.80 -1.99
N TRP A 2 1.69 4.81 -1.00
CA TRP A 2 1.63 3.45 -1.53
C TRP A 2 0.27 3.16 -2.13
N LYS A 3 0.02 1.90 -2.45
CA LYS A 3 -1.26 1.49 -3.04
C LYS A 3 -2.18 0.91 -1.96
N THR A 4 -3.48 1.08 -2.17
CA THR A 4 -4.47 0.57 -1.23
C THR A 4 -5.54 -0.25 -1.94
N ILE A 5 -5.72 -1.50 -1.50
CA ILE A 5 -6.71 -2.38 -2.10
C ILE A 5 -7.33 -3.31 -1.06
OH ALY A 6 -4.17 -7.64 -0.31
CH ALY A 6 -4.86 -7.85 -1.36
CH3 ALY A 6 -4.28 -8.09 -2.74
NZ ALY A 6 -6.24 -7.87 -1.27
CE ALY A 6 -7.07 -7.05 -2.18
CD ALY A 6 -8.55 -7.34 -2.03
CG ALY A 6 -9.33 -6.08 -1.69
CB ALY A 6 -9.05 -5.62 -0.26
CA ALY A 6 -9.36 -4.15 -0.01
N ALY A 6 -8.65 -3.30 -0.96
C ALY A 6 -8.99 -3.78 1.43
O ALY A 6 -8.90 -4.64 2.29
HH31 ALY A 6 -3.92 -7.14 -3.14
HH32 ALY A 6 -3.45 -8.78 -2.66
HH33 ALY A 6 -5.05 -8.49 -3.38
HZ ALY A 6 -6.41 -7.60 -0.32
HE3 ALY A 6 -6.88 -6.00 -1.98
HE2 ALY A 6 -6.77 -7.26 -3.21
HD3 ALY A 6 -8.93 -7.77 -2.96
HD2 ALY A 6 -8.68 -8.08 -1.24
HG3 ALY A 6 -9.05 -5.30 -2.39
HG2 ALY A 6 -10.39 -6.28 -1.81
HB3 ALY A 6 -9.65 -6.24 0.41
HB2 ALY A 6 -8.00 -5.81 -0.05
HA ALY A 6 -10.43 -3.99 -0.13
H ALY A 6 -9.18 -2.70 -1.58
N GLY A 7 -8.78 -2.48 1.67
CA GLY A 7 -8.43 -2.03 2.99
C GLY A 7 -7.25 -2.78 3.57
OH ALY A 8 -8.61 -8.65 1.85
CH ALY A 8 -8.85 -8.43 3.09
CH3 ALY A 8 -10.21 -8.10 3.65
NZ ALY A 8 -7.82 -8.50 4.00
CE ALY A 8 -6.48 -7.95 3.67
CD ALY A 8 -6.28 -6.55 4.22
CG ALY A 8 -4.89 -6.01 3.89
CB ALY A 8 -4.95 -4.97 2.78
CA ALY A 8 -4.95 -3.53 3.28
N ALY A 8 -6.15 -2.83 2.83
C ALY A 8 -3.69 -2.81 2.80
O ALY A 8 -3.66 -2.25 1.72
HH31 ALY A 8 -10.90 -7.88 2.83
HH32 ALY A 8 -10.59 -8.94 4.22
HH33 ALY A 8 -10.13 -7.23 4.30
HZ ALY A 8 -7.75 -9.49 4.20
HE3 ALY A 8 -5.72 -8.62 4.08
HE2 ALY A 8 -6.36 -7.94 2.58
HD3 ALY A 8 -7.04 -5.89 3.78
HD2 ALY A 8 -6.42 -6.57 5.30
HG3 ALY A 8 -4.47 -5.57 4.79
HG2 ALY A 8 -4.26 -6.84 3.57
HB3 ALY A 8 -4.10 -5.13 2.12
HB2 ALY A 8 -5.86 -5.16 2.20
HA ALY A 8 -4.94 -3.54 4.37
H ALY A 8 -6.14 -2.36 1.93
N THR A 9 -2.65 -2.84 3.64
CA THR A 9 -1.39 -2.20 3.31
C THR A 9 -0.33 -3.23 2.93
N TRP A 10 0.89 -2.75 2.68
CA TRP A 10 2.00 -3.64 2.31
C TRP A 10 3.28 -2.85 2.12
N ARG A 11 3.15 -1.62 1.61
CA ARG A 11 4.30 -0.76 1.36
C ARG A 11 5.21 -1.37 0.31
N THR A 12 5.20 -0.78 -0.88
CA THR A 12 6.03 -1.26 -1.99
C THR A 12 7.14 -0.26 -2.31
OH ALY A 13 8.95 -0.03 -6.45
CH ALY A 13 8.59 0.25 -7.65
CH3 ALY A 13 7.93 -0.73 -8.58
NZ ALY A 13 8.79 1.51 -8.15
CE ALY A 13 9.10 2.65 -7.22
CD ALY A 13 7.96 2.90 -6.25
CG ALY A 13 8.48 3.05 -4.82
CB ALY A 13 7.37 2.85 -3.80
CA ALY A 13 7.78 2.07 -2.56
N ALY A 13 6.81 1.02 -2.26
C ALY A 13 7.94 3.01 -1.38
O ALY A 13 7.44 2.74 -0.28
HH31 ALY A 13 8.64 -1.05 -9.35
HH32 ALY A 13 7.59 -1.61 -8.02
HH33 ALY A 13 7.08 -0.26 -9.07
HZ ALY A 13 7.93 1.72 -8.65
HE3 ALY A 13 10.01 2.42 -6.68
HE2 ALY A 13 9.27 3.54 -7.82
HD3 ALY A 13 7.45 3.82 -6.54
HD2 ALY A 13 7.26 2.08 -6.30
HG3 ALY A 13 9.27 2.31 -4.66
HG2 ALY A 13 8.92 4.04 -4.70
HB3 ALY A 13 7.01 3.84 -3.51
HB2 ALY A 13 6.55 2.34 -4.30
HA ALY A 13 8.75 1.60 -2.75
H ALY A 13 5.87 1.28 -2.03
N GLN A 14 8.64 4.12 -1.60
CA GLN A 14 8.88 5.10 -0.54
C GLN A 14 8.00 6.34 -0.75
N CYS A 15 6.77 6.27 -0.26
CA CYS A 15 5.84 7.39 -0.41
C CYS A 15 6.46 8.69 0.09
N NH2 A 16 6.32 9.77 -0.61
HN1 NH2 A 16 6.70 9.80 -1.56
#